data_8JR5
#
_entry.id   8JR5
#
_cell.length_a   83.926
_cell.length_b   63.658
_cell.length_c   121.622
_cell.angle_alpha   90.00
_cell.angle_beta   97.69
_cell.angle_gamma   90.00
#
_symmetry.space_group_name_H-M   'P 1 21 1'
#
loop_
_entity.id
_entity.type
_entity.pdbx_description
1 polymer 'Glycoprotein G'
2 branched 2-acetamido-2-deoxy-beta-D-glucopyranose-(1-4)-2-acetamido-2-deoxy-beta-D-glucopyranose
3 non-polymer 2-acetamido-2-deoxy-beta-D-glucopyranose
#
_entity_poly.entity_id   1
_entity_poly.type   'polypeptide(L)'
_entity_poly.pdbx_seq_one_letter_code
;ICLQKTTSTILKPRLISYTLPINTREGVCITDPLLAVDNGFFAYSHLEKIGSCTRGIAKQRIIGVGEVLDRGDKVPSMFM
TNVWTPPNPSTIHHCSSTYHEDFYYTLCAVSHVGDPILNSTSWTESLSLIRLAVRPKSDSGDYNQKYIAITKVERGKYDK
VMPYGPSGIKQGDTLYFPAVGFLPRTEFQYNDSNCPIIHCKYSKAENCRLSMGVNSKSHYILRSGLLKYNLSLGGDIILQ
FIEIADNRLTIGSPSKIYNSLGQPVFYQASYSWDTMIKLGDVDTVDPLRVQWRNNSVISRPGQSQCPRFNVCPEVCWEGT
YNDAFLIDRLNWVSAGVYLNSNQTAENPVFAVFKDNEILYQVPLAEDDTNAQKTITDCFLLENVIWCISLVEIYDTGDNV
IRPKLFAVKIPAQCSE
;
_entity_poly.pdbx_strand_id   A,B
#
# COMPACT_ATOMS: atom_id res chain seq x y z
N ILE A 1 -12.85 -19.80 -21.84
CA ILE A 1 -13.54 -20.35 -20.67
C ILE A 1 -14.08 -21.78 -20.83
N CYS A 2 -13.67 -22.65 -19.90
CA CYS A 2 -14.20 -24.01 -19.82
C CYS A 2 -15.68 -23.99 -19.46
N LEU A 3 -16.42 -24.88 -20.10
CA LEU A 3 -17.87 -24.93 -19.95
C LEU A 3 -18.34 -26.36 -19.73
N GLN A 4 -17.45 -27.23 -19.22
CA GLN A 4 -17.65 -28.67 -19.17
C GLN A 4 -17.59 -29.19 -17.73
N LYS A 5 -18.62 -29.91 -17.31
CA LYS A 5 -18.62 -30.53 -15.99
C LYS A 5 -17.51 -31.57 -15.84
N THR A 6 -16.78 -31.48 -14.73
CA THR A 6 -15.78 -32.48 -14.37
C THR A 6 -15.57 -32.43 -12.85
N THR A 7 -15.16 -33.56 -12.28
CA THR A 7 -14.76 -33.58 -10.87
C THR A 7 -13.28 -33.32 -10.69
N SER A 8 -12.58 -32.90 -11.74
CA SER A 8 -11.17 -32.59 -11.61
C SER A 8 -11.01 -31.25 -10.90
N THR A 9 -10.15 -31.22 -9.89
CA THR A 9 -9.77 -29.98 -9.23
C THR A 9 -8.77 -29.28 -10.14
N ILE A 10 -9.31 -28.73 -11.22
CA ILE A 10 -8.57 -27.88 -12.12
C ILE A 10 -8.40 -26.46 -11.56
N LEU A 11 -9.16 -26.10 -10.54
CA LEU A 11 -9.02 -24.81 -9.89
C LEU A 11 -7.89 -24.85 -8.85
N LYS A 12 -7.09 -23.78 -8.79
CA LYS A 12 -6.02 -23.66 -7.79
C LYS A 12 -6.07 -22.25 -7.18
N PRO A 13 -6.75 -22.11 -6.07
CA PRO A 13 -6.79 -20.80 -5.41
C PRO A 13 -5.43 -20.40 -4.88
N ARG A 14 -5.12 -19.10 -4.97
CA ARG A 14 -3.87 -18.56 -4.43
C ARG A 14 -4.19 -17.42 -3.48
N LEU A 15 -3.98 -17.66 -2.18
CA LEU A 15 -4.22 -16.65 -1.15
C LEU A 15 -3.32 -15.43 -1.35
N ILE A 16 -3.92 -14.23 -1.32
CA ILE A 16 -3.18 -13.02 -1.66
C ILE A 16 -3.39 -11.87 -0.69
N SER A 17 -3.86 -12.17 0.54
CA SER A 17 -3.96 -11.18 1.62
C SER A 17 -4.85 -10.01 1.22
N GLU A 26 -4.14 -9.49 17.39
CA GLU A 26 -3.66 -9.75 18.75
C GLU A 26 -4.79 -10.42 19.59
N GLY A 27 -5.87 -9.71 19.88
CA GLY A 27 -7.00 -10.33 20.56
C GLY A 27 -8.36 -9.91 20.02
N VAL A 28 -8.40 -9.59 18.73
CA VAL A 28 -9.51 -8.86 18.12
C VAL A 28 -10.13 -9.69 17.01
N CYS A 29 -11.21 -9.18 16.40
CA CYS A 29 -11.98 -9.82 15.34
C CYS A 29 -12.24 -8.83 14.20
N ILE A 30 -12.10 -9.30 12.96
CA ILE A 30 -12.22 -8.46 11.78
C ILE A 30 -13.49 -8.85 11.03
N THR A 31 -14.49 -7.98 11.04
CA THR A 31 -15.86 -8.36 10.68
C THR A 31 -16.48 -7.30 9.76
N ASP A 32 -17.75 -7.51 9.38
CA ASP A 32 -18.53 -6.65 8.50
C ASP A 32 -17.76 -6.19 7.24
N PRO A 33 -17.29 -7.14 6.43
CA PRO A 33 -16.35 -6.80 5.36
C PRO A 33 -17.01 -6.44 4.03
N LEU A 34 -16.25 -5.67 3.23
CA LEU A 34 -16.68 -5.16 1.94
C LEU A 34 -15.62 -5.40 0.87
N LEU A 35 -16.06 -5.80 -0.32
CA LEU A 35 -15.18 -5.91 -1.49
C LEU A 35 -15.93 -5.50 -2.76
N ALA A 36 -15.35 -4.55 -3.50
CA ALA A 36 -15.78 -4.18 -4.84
C ALA A 36 -14.56 -4.20 -5.74
N VAL A 37 -14.76 -4.57 -7.01
CA VAL A 37 -13.65 -4.65 -7.97
C VAL A 37 -14.14 -4.11 -9.31
N ASP A 38 -13.40 -3.16 -9.88
CA ASP A 38 -13.89 -2.42 -11.05
C ASP A 38 -12.73 -1.87 -11.87
N ASN A 39 -12.55 -2.40 -13.09
CA ASN A 39 -11.72 -1.79 -14.15
C ASN A 39 -10.28 -1.57 -13.72
N GLY A 40 -9.78 -2.43 -12.82
CA GLY A 40 -8.41 -2.37 -12.35
C GLY A 40 -8.28 -1.96 -10.90
N PHE A 41 -9.31 -1.35 -10.34
CA PHE A 41 -9.30 -0.82 -8.99
C PHE A 41 -10.22 -1.65 -8.11
N PHE A 42 -10.09 -1.47 -6.79
CA PHE A 42 -10.87 -2.25 -5.85
C PHE A 42 -11.17 -1.36 -4.66
N ALA A 43 -12.23 -1.71 -3.95
CA ALA A 43 -12.56 -1.12 -2.66
C ALA A 43 -12.76 -2.22 -1.64
N TYR A 44 -12.19 -2.05 -0.45
CA TYR A 44 -12.48 -2.94 0.66
C TYR A 44 -12.79 -2.17 1.93
N SER A 45 -13.51 -2.83 2.83
CA SER A 45 -13.77 -2.27 4.16
C SER A 45 -13.89 -3.38 5.21
N HIS A 46 -13.56 -3.05 6.45
CA HIS A 46 -13.94 -3.94 7.54
C HIS A 46 -14.06 -3.18 8.84
N LEU A 47 -14.58 -3.85 9.85
CA LEU A 47 -14.65 -3.35 11.22
C LEU A 47 -13.79 -4.22 12.13
N GLU A 48 -12.80 -3.60 12.77
CA GLU A 48 -12.03 -4.22 13.85
C GLU A 48 -12.83 -4.07 15.14
N LYS A 49 -13.35 -5.18 15.65
CA LYS A 49 -14.01 -5.26 16.95
C LYS A 49 -13.10 -5.97 17.95
N ILE A 50 -13.19 -5.58 19.22
CA ILE A 50 -12.46 -6.25 20.28
C ILE A 50 -13.41 -7.25 20.95
N GLY A 51 -13.15 -8.54 20.75
CA GLY A 51 -13.94 -9.59 21.37
C GLY A 51 -14.86 -10.38 20.47
N SER A 52 -16.15 -10.45 20.83
CA SER A 52 -17.11 -11.30 20.06
C SER A 52 -17.46 -10.61 18.75
N CYS A 53 -17.38 -11.35 17.65
CA CYS A 53 -17.61 -10.68 16.36
C CYS A 53 -19.03 -10.14 16.29
N THR A 54 -20.03 -10.90 16.75
CA THR A 54 -21.42 -10.36 16.81
C THR A 54 -21.60 -9.21 17.81
N ARG A 55 -21.04 -9.31 19.02
CA ARG A 55 -21.32 -8.28 20.06
C ARG A 55 -20.09 -7.48 20.50
N GLY A 56 -18.94 -7.69 19.89
CA GLY A 56 -17.73 -7.02 20.40
C GLY A 56 -17.77 -5.51 20.31
N ILE A 57 -17.03 -4.84 21.18
CA ILE A 57 -16.92 -3.36 21.11
C ILE A 57 -16.15 -3.03 19.82
N ALA A 58 -16.47 -1.90 19.20
CA ALA A 58 -15.78 -1.49 17.97
C ALA A 58 -14.41 -0.93 18.30
N LYS A 59 -13.41 -1.30 17.51
CA LYS A 59 -12.05 -0.72 17.71
C LYS A 59 -11.84 0.28 16.59
N GLN A 60 -11.85 -0.19 15.34
CA GLN A 60 -11.80 0.82 14.30
C GLN A 60 -12.36 0.28 12.99
N ARG A 61 -13.12 1.12 12.28
CA ARG A 61 -13.50 0.84 10.90
C ARG A 61 -12.42 1.36 9.97
N ILE A 62 -12.21 0.67 8.85
CA ILE A 62 -11.49 1.29 7.74
C ILE A 62 -12.26 1.07 6.46
N ILE A 63 -12.09 2.02 5.56
CA ILE A 63 -12.50 1.93 4.16
C ILE A 63 -11.28 2.26 3.32
N GLY A 64 -10.97 1.41 2.36
CA GLY A 64 -9.83 1.64 1.50
C GLY A 64 -10.20 1.39 0.04
N VAL A 65 -9.36 1.94 -0.82
CA VAL A 65 -9.42 1.66 -2.25
C VAL A 65 -7.99 1.38 -2.70
N GLY A 66 -7.88 0.76 -3.87
CA GLY A 66 -6.57 0.47 -4.41
C GLY A 66 -6.67 0.02 -5.84
N GLU A 67 -5.56 -0.54 -6.33
CA GLU A 67 -5.44 -1.01 -7.69
C GLU A 67 -5.26 -2.52 -7.68
N VAL A 68 -5.76 -3.16 -8.74
CA VAL A 68 -5.58 -4.59 -8.95
C VAL A 68 -4.57 -4.76 -10.07
N LEU A 69 -3.40 -5.31 -9.75
CA LEU A 69 -2.26 -5.36 -10.66
C LEU A 69 -1.66 -6.76 -10.62
N ASP A 70 -0.98 -7.14 -11.69
CA ASP A 70 -0.17 -8.35 -11.67
C ASP A 70 1.31 -8.02 -11.64
N ARG A 71 2.10 -9.00 -11.24
CA ARG A 71 3.53 -8.84 -11.33
C ARG A 71 3.99 -9.75 -12.47
N GLY A 72 5.27 -10.15 -12.43
CA GLY A 72 5.75 -11.08 -13.43
C GLY A 72 5.02 -12.41 -13.40
N ASP A 73 4.38 -12.76 -12.28
CA ASP A 73 3.66 -14.02 -12.19
C ASP A 73 2.27 -13.99 -12.81
N LYS A 74 1.84 -12.85 -13.37
CA LYS A 74 0.53 -12.74 -14.04
C LYS A 74 -0.62 -13.20 -13.13
N VAL A 75 -0.45 -12.94 -11.86
CA VAL A 75 -1.45 -13.18 -10.82
C VAL A 75 -1.86 -11.84 -10.25
N PRO A 76 -3.15 -11.60 -10.06
CA PRO A 76 -3.58 -10.31 -9.51
C PRO A 76 -3.06 -10.08 -8.10
N SER A 77 -2.87 -8.81 -7.74
CA SER A 77 -2.54 -8.48 -6.37
C SER A 77 -3.31 -7.26 -5.90
N MET A 78 -3.65 -7.27 -4.62
CA MET A 78 -4.19 -6.10 -3.94
C MET A 78 -3.07 -5.12 -3.60
N PHE A 79 -3.25 -3.85 -3.96
CA PHE A 79 -2.35 -2.77 -3.57
C PHE A 79 -3.22 -1.62 -3.09
N MET A 80 -3.35 -1.47 -1.77
CA MET A 80 -4.03 -0.34 -1.17
C MET A 80 -3.43 0.97 -1.68
N THR A 81 -4.29 1.92 -2.03
CA THR A 81 -3.78 3.24 -2.36
C THR A 81 -4.37 4.36 -1.52
N ASN A 82 -5.59 4.22 -0.98
CA ASN A 82 -6.20 5.32 -0.22
C ASN A 82 -7.04 4.72 0.91
N VAL A 83 -6.95 5.29 2.09
CA VAL A 83 -7.54 4.70 3.29
C VAL A 83 -8.13 5.78 4.18
N TRP A 84 -9.35 5.55 4.66
CA TRP A 84 -10.04 6.48 5.54
C TRP A 84 -10.53 5.73 6.77
N THR A 85 -10.31 6.35 7.94
CA THR A 85 -10.78 5.86 9.23
C THR A 85 -11.72 6.89 9.84
N PRO A 86 -12.97 6.55 10.13
CA PRO A 86 -13.87 7.53 10.77
C PRO A 86 -13.50 7.73 12.24
N PRO A 87 -13.58 8.97 12.73
CA PRO A 87 -13.23 9.22 14.13
C PRO A 87 -14.13 8.51 15.13
N ASN A 88 -15.25 7.97 14.70
CA ASN A 88 -15.95 7.10 15.63
C ASN A 88 -16.39 5.84 14.88
N PRO A 89 -15.88 4.66 15.26
CA PRO A 89 -16.23 3.42 14.55
C PRO A 89 -17.52 2.76 15.01
N SER A 90 -18.13 3.28 16.07
CA SER A 90 -19.37 2.78 16.64
C SER A 90 -20.58 3.22 15.85
N THR A 91 -20.41 4.10 14.89
CA THR A 91 -21.54 4.77 14.28
C THR A 91 -21.72 4.48 12.80
N ILE A 92 -20.76 3.83 12.15
CA ILE A 92 -20.81 3.63 10.71
C ILE A 92 -21.22 2.18 10.44
N HIS A 93 -22.12 1.98 9.49
CA HIS A 93 -22.84 0.72 9.31
C HIS A 93 -23.23 0.57 7.85
N HIS A 94 -23.22 -0.66 7.37
CA HIS A 94 -23.78 -0.97 6.04
C HIS A 94 -23.22 -0.09 4.92
N CYS A 95 -21.90 -0.10 4.78
CA CYS A 95 -21.29 0.64 3.68
C CYS A 95 -21.50 -0.07 2.34
N SER A 96 -21.68 0.69 1.27
CA SER A 96 -21.80 0.13 -0.06
C SER A 96 -21.01 0.99 -1.03
N SER A 97 -20.20 0.40 -1.90
CA SER A 97 -19.34 1.26 -2.75
C SER A 97 -19.58 1.05 -4.25
N THR A 98 -19.55 2.14 -5.03
CA THR A 98 -19.74 2.10 -6.51
C THR A 98 -18.61 2.91 -7.13
N TYR A 99 -18.16 2.58 -8.34
CA TYR A 99 -16.96 3.26 -8.91
C TYR A 99 -17.28 4.12 -10.12
N HIS A 100 -16.94 5.42 -10.05
CA HIS A 100 -17.10 6.28 -11.24
C HIS A 100 -15.89 7.17 -11.50
N GLU A 101 -15.38 7.21 -12.72
CA GLU A 101 -14.40 8.25 -13.11
C GLU A 101 -13.21 8.41 -12.18
N ASP A 102 -12.53 7.33 -11.82
CA ASP A 102 -11.29 7.52 -11.02
C ASP A 102 -11.65 7.86 -9.59
N PHE A 103 -12.85 7.49 -9.16
CA PHE A 103 -13.21 7.69 -7.74
C PHE A 103 -14.05 6.51 -7.27
N TYR A 104 -13.93 6.16 -5.99
CA TYR A 104 -14.83 5.12 -5.43
C TYR A 104 -15.70 5.81 -4.39
N TYR A 105 -17.01 5.65 -4.51
CA TYR A 105 -17.94 6.36 -3.60
C TYR A 105 -18.56 5.36 -2.63
N THR A 106 -18.21 5.47 -1.35
CA THR A 106 -18.71 4.49 -0.37
C THR A 106 -19.81 5.17 0.42
N LEU A 107 -21.02 4.68 0.26
CA LEU A 107 -22.20 5.23 0.93
C LEU A 107 -22.50 4.48 2.21
N CYS A 108 -22.45 5.17 3.34
CA CYS A 108 -22.65 4.48 4.60
C CYS A 108 -23.87 5.05 5.29
N ALA A 109 -24.38 4.31 6.26
CA ALA A 109 -25.39 4.77 7.19
C ALA A 109 -24.78 5.16 8.53
N VAL A 110 -25.40 6.11 9.22
CA VAL A 110 -24.94 6.57 10.52
C VAL A 110 -25.97 6.19 11.55
N SER A 111 -25.51 5.74 12.72
CA SER A 111 -26.50 5.40 13.73
C SER A 111 -25.97 5.70 15.11
N HIS A 112 -26.87 6.06 16.01
CA HIS A 112 -26.56 6.20 17.42
C HIS A 112 -27.14 5.04 18.23
N VAL A 113 -27.88 4.12 17.61
CA VAL A 113 -28.48 2.99 18.31
C VAL A 113 -27.96 1.65 17.81
N GLY A 114 -26.78 1.63 17.19
CA GLY A 114 -26.29 0.37 16.64
C GLY A 114 -26.86 0.05 15.27
N ASP A 115 -26.79 -1.24 14.92
CA ASP A 115 -27.19 -1.73 13.60
C ASP A 115 -28.62 -1.35 13.26
N PRO A 116 -28.87 -0.48 12.22
CA PRO A 116 -30.22 -0.01 11.91
C PRO A 116 -31.26 -1.12 11.75
N ILE A 117 -30.82 -2.34 11.43
CA ILE A 117 -31.77 -3.45 11.26
C ILE A 117 -32.30 -3.92 12.61
N LEU A 118 -31.47 -3.91 13.65
CA LEU A 118 -31.92 -4.54 14.88
C LEU A 118 -32.53 -3.59 15.90
N ASN A 119 -32.29 -2.30 15.79
CA ASN A 119 -32.89 -1.37 16.73
C ASN A 119 -33.54 -0.30 15.89
N SER A 120 -34.26 -0.82 14.89
CA SER A 120 -34.76 -0.15 13.69
C SER A 120 -35.85 0.88 13.98
N THR A 121 -36.69 0.60 14.98
CA THR A 121 -37.69 1.56 15.40
C THR A 121 -37.03 2.87 15.87
N SER A 122 -35.83 2.81 16.47
CA SER A 122 -35.19 3.92 17.17
C SER A 122 -34.24 4.77 16.30
N TRP A 123 -34.02 4.41 15.03
CA TRP A 123 -32.95 4.97 14.22
C TRP A 123 -33.40 6.18 13.40
N THR A 124 -32.77 7.35 13.63
CA THR A 124 -33.01 8.53 12.78
C THR A 124 -32.17 8.39 11.51
N GLU A 125 -32.81 8.27 10.35
CA GLU A 125 -32.11 7.66 9.21
C GLU A 125 -31.09 8.61 8.59
N SER A 126 -29.90 8.64 9.22
CA SER A 126 -28.80 9.51 8.80
C SER A 126 -27.92 8.79 7.79
N LEU A 127 -27.57 9.46 6.68
CA LEU A 127 -26.70 8.84 5.68
C LEU A 127 -25.43 9.68 5.50
N SER A 128 -24.51 9.16 4.69
CA SER A 128 -23.32 9.94 4.35
C SER A 128 -22.59 9.25 3.20
N LEU A 129 -21.55 9.91 2.73
CA LEU A 129 -20.82 9.46 1.57
C LEU A 129 -19.32 9.71 1.79
N ILE A 130 -18.48 8.75 1.36
CA ILE A 130 -17.02 8.92 1.37
C ILE A 130 -16.55 8.61 -0.04
N ARG A 131 -16.02 9.61 -0.72
CA ARG A 131 -15.36 9.42 -2.01
C ARG A 131 -13.86 9.42 -1.79
N LEU A 132 -13.24 8.31 -2.18
CA LEU A 132 -11.77 8.18 -2.06
C LEU A 132 -11.27 8.05 -3.50
N ALA A 133 -10.00 8.29 -3.73
CA ALA A 133 -9.53 8.33 -5.13
C ALA A 133 -8.67 7.11 -5.42
N VAL A 134 -8.97 6.43 -6.52
CA VAL A 134 -8.25 5.17 -6.81
C VAL A 134 -6.78 5.51 -6.97
N ARG A 135 -6.45 6.61 -7.66
CA ARG A 135 -5.03 7.03 -7.69
C ARG A 135 -4.96 8.35 -6.95
N PRO A 136 -4.24 8.44 -5.82
CA PRO A 136 -4.18 9.66 -5.05
C PRO A 136 -3.30 10.69 -5.76
N LYS A 137 -3.58 11.97 -5.59
CA LYS A 137 -2.71 13.02 -6.15
C LYS A 137 -2.21 13.89 -5.00
N SER A 138 -0.91 14.16 -4.94
CA SER A 138 -0.37 14.93 -3.80
C SER A 138 -0.80 16.39 -3.91
N ASP A 142 -9.09 18.29 -1.65
CA ASP A 142 -10.04 17.17 -1.55
C ASP A 142 -10.14 16.11 -2.62
N TYR A 143 -9.21 16.04 -3.57
CA TYR A 143 -9.31 14.95 -4.53
C TYR A 143 -9.25 13.61 -3.81
N ASN A 144 -8.27 13.48 -2.93
CA ASN A 144 -8.00 12.22 -2.24
C ASN A 144 -9.22 11.70 -1.48
N GLN A 145 -9.80 12.55 -0.62
CA GLN A 145 -10.80 12.09 0.35
C GLN A 145 -11.82 13.18 0.60
N LYS A 146 -13.09 12.90 0.28
CA LYS A 146 -14.16 13.83 0.62
C LYS A 146 -15.29 13.08 1.33
N TYR A 147 -15.71 13.64 2.45
CA TYR A 147 -16.86 13.20 3.19
C TYR A 147 -18.05 14.08 2.87
N ILE A 148 -19.23 13.50 2.93
CA ILE A 148 -20.49 14.20 2.66
C ILE A 148 -21.52 13.72 3.66
N ALA A 149 -22.19 14.63 4.33
CA ALA A 149 -23.35 14.25 5.12
C ALA A 149 -24.56 14.41 4.22
N ILE A 150 -25.11 13.29 3.76
CA ILE A 150 -26.31 13.33 2.92
C ILE A 150 -27.52 13.76 3.73
N THR A 151 -28.23 14.78 3.23
CA THR A 151 -29.35 15.42 3.89
C THR A 151 -30.67 15.31 3.11
N LYS A 152 -30.62 15.17 1.79
CA LYS A 152 -31.81 15.14 0.94
C LYS A 152 -32.00 13.75 0.35
N VAL A 153 -33.09 13.08 0.71
CA VAL A 153 -33.35 11.69 0.31
C VAL A 153 -34.82 11.54 -0.07
N GLU A 154 -35.08 10.89 -1.19
CA GLU A 154 -36.43 10.67 -1.67
C GLU A 154 -36.73 9.18 -1.67
N ARG A 155 -37.70 8.77 -0.84
CA ARG A 155 -37.88 7.36 -0.47
C ARG A 155 -39.30 6.83 -0.61
N GLY A 156 -40.18 7.56 -1.32
CA GLY A 156 -41.58 7.18 -1.52
C GLY A 156 -42.35 6.90 -0.24
N LYS A 157 -43.08 5.77 -0.23
CA LYS A 157 -43.88 5.40 0.93
C LYS A 157 -43.00 4.99 2.12
N TYR A 158 -41.75 4.63 1.84
CA TYR A 158 -40.86 4.08 2.86
C TYR A 158 -40.48 5.08 3.93
N ASP A 159 -40.56 4.61 5.18
CA ASP A 159 -40.41 5.44 6.36
C ASP A 159 -38.96 5.87 6.51
N LYS A 160 -38.04 5.01 6.06
CA LYS A 160 -36.60 5.30 6.07
C LYS A 160 -35.89 4.32 5.14
N VAL A 161 -34.90 4.79 4.40
CA VAL A 161 -34.12 3.86 3.58
C VAL A 161 -32.66 3.77 4.04
N MET A 162 -31.87 2.96 3.34
CA MET A 162 -30.55 2.62 3.85
C MET A 162 -29.79 1.79 2.82
N PRO A 163 -28.49 2.02 2.58
CA PRO A 163 -27.74 1.10 1.71
C PRO A 163 -27.67 -0.27 2.37
N TYR A 164 -27.66 -1.32 1.55
CA TYR A 164 -27.61 -2.61 2.21
C TYR A 164 -27.07 -3.67 1.24
N GLY A 165 -25.73 -3.61 1.03
CA GLY A 165 -25.01 -4.50 0.15
C GLY A 165 -23.58 -4.04 -0.03
N PRO A 166 -22.72 -4.88 -0.68
CA PRO A 166 -21.29 -4.52 -0.80
C PRO A 166 -21.00 -3.57 -1.95
N SER A 167 -21.58 -3.75 -3.15
CA SER A 167 -21.23 -2.86 -4.26
C SER A 167 -22.41 -2.71 -5.20
N GLY A 168 -22.46 -1.56 -5.86
CA GLY A 168 -23.43 -1.28 -6.90
C GLY A 168 -22.75 -0.89 -8.20
N ILE A 169 -23.43 -0.16 -9.10
CA ILE A 169 -22.84 0.18 -10.40
C ILE A 169 -23.08 1.64 -10.77
N LYS A 170 -22.36 2.07 -11.80
CA LYS A 170 -22.58 3.34 -12.47
C LYS A 170 -23.34 3.12 -13.76
N GLN A 171 -24.11 4.14 -14.14
CA GLN A 171 -24.65 4.32 -15.48
C GLN A 171 -24.55 5.81 -15.77
N GLY A 172 -23.55 6.17 -16.59
CA GLY A 172 -23.25 7.56 -16.88
C GLY A 172 -22.65 8.29 -15.70
N ASP A 173 -23.34 9.33 -15.23
CA ASP A 173 -23.01 10.04 -14.00
C ASP A 173 -23.93 9.62 -12.86
N THR A 174 -24.62 8.48 -13.00
CA THR A 174 -25.59 8.01 -12.01
C THR A 174 -25.13 6.71 -11.33
N LEU A 175 -24.93 6.79 -10.03
CA LEU A 175 -24.58 5.62 -9.24
C LEU A 175 -25.85 4.94 -8.75
N TYR A 176 -25.74 3.62 -8.52
CA TYR A 176 -26.84 2.76 -8.09
C TYR A 176 -26.28 1.84 -7.01
N PHE A 177 -26.53 2.17 -5.79
CA PHE A 177 -26.08 1.39 -4.66
C PHE A 177 -27.15 0.37 -4.29
N PRO A 178 -26.75 -0.82 -3.86
CA PRO A 178 -27.71 -1.73 -3.22
C PRO A 178 -28.18 -1.15 -1.89
N ALA A 179 -29.50 -1.11 -1.70
CA ALA A 179 -30.15 -0.45 -0.58
C ALA A 179 -31.40 -1.22 -0.21
N VAL A 180 -32.07 -0.76 0.84
CA VAL A 180 -33.25 -1.39 1.40
C VAL A 180 -34.12 -0.29 1.96
N GLY A 181 -35.43 -0.52 1.98
CA GLY A 181 -36.39 0.41 2.57
C GLY A 181 -37.14 -0.27 3.70
N PHE A 182 -37.42 0.50 4.76
CA PHE A 182 -38.07 -0.06 5.93
C PHE A 182 -39.52 0.45 5.86
N LEU A 183 -40.42 -0.36 5.28
CA LEU A 183 -41.80 0.14 5.19
C LEU A 183 -42.66 -0.41 6.31
N PRO A 184 -43.37 0.41 7.10
CA PRO A 184 -44.03 -0.13 8.31
C PRO A 184 -45.13 -1.11 7.92
N ARG A 185 -45.20 -2.23 8.65
CA ARG A 185 -45.96 -3.29 8.00
C ARG A 185 -47.44 -3.00 7.98
N THR A 186 -47.84 -1.88 8.59
CA THR A 186 -49.22 -1.41 8.50
C THR A 186 -49.58 -1.03 7.08
N GLU A 187 -48.59 -0.56 6.31
CA GLU A 187 -48.76 -0.04 4.96
C GLU A 187 -48.27 -1.04 3.93
N PHE A 188 -47.89 -2.22 4.35
CA PHE A 188 -47.41 -3.21 3.41
C PHE A 188 -48.59 -3.84 2.68
N GLN A 189 -48.46 -3.95 1.36
CA GLN A 189 -49.50 -4.48 0.49
C GLN A 189 -49.19 -5.91 0.05
N TYR A 190 -49.93 -6.89 0.61
CA TYR A 190 -49.67 -8.30 0.30
C TYR A 190 -50.94 -9.12 0.34
N ASN A 191 -51.30 -9.74 -0.78
CA ASN A 191 -52.35 -10.76 -0.79
C ASN A 191 -51.76 -12.09 -0.33
N ASP A 192 -52.17 -12.56 0.85
CA ASP A 192 -51.64 -13.82 1.34
C ASP A 192 -52.04 -14.98 0.43
N SER A 193 -52.92 -14.72 -0.54
CA SER A 193 -53.23 -15.73 -1.55
C SER A 193 -52.03 -16.05 -2.44
N ASN A 194 -51.11 -15.09 -2.60
CA ASN A 194 -49.95 -15.28 -3.47
C ASN A 194 -48.81 -16.06 -2.83
N CYS A 195 -48.93 -16.38 -1.54
CA CYS A 195 -47.89 -17.06 -0.79
C CYS A 195 -47.86 -18.52 -1.18
N PRO A 196 -46.81 -18.98 -1.90
CA PRO A 196 -46.90 -20.28 -2.60
C PRO A 196 -46.72 -21.48 -1.69
N ILE A 197 -47.84 -22.03 -1.21
CA ILE A 197 -47.79 -23.20 -0.29
C ILE A 197 -48.46 -24.38 -0.99
N ILE A 198 -48.48 -24.41 -2.33
CA ILE A 198 -49.24 -25.47 -3.04
C ILE A 198 -48.67 -26.86 -2.72
N HIS A 199 -47.35 -27.00 -2.73
CA HIS A 199 -46.77 -28.35 -2.54
C HIS A 199 -46.31 -28.55 -1.10
N CYS A 200 -46.49 -27.51 -0.28
CA CYS A 200 -45.92 -27.56 1.08
C CYS A 200 -46.96 -27.94 2.12
N LYS A 201 -46.87 -29.16 2.63
CA LYS A 201 -47.83 -29.63 3.64
C LYS A 201 -47.71 -28.77 4.88
N TYR A 202 -46.50 -28.43 5.27
CA TYR A 202 -46.31 -27.71 6.56
C TYR A 202 -46.61 -26.22 6.43
N SER A 203 -46.29 -25.62 5.28
CA SER A 203 -46.44 -24.15 5.12
C SER A 203 -47.87 -23.65 5.32
N LYS A 204 -48.02 -22.49 5.97
CA LYS A 204 -49.35 -21.86 6.14
C LYS A 204 -49.38 -20.67 5.18
N ALA A 205 -50.48 -19.90 5.13
CA ALA A 205 -50.60 -18.85 4.11
C ALA A 205 -49.86 -17.60 4.51
N GLU A 206 -50.02 -17.20 5.74
CA GLU A 206 -49.42 -15.90 6.06
C GLU A 206 -47.89 -15.89 6.27
N ASN A 207 -47.17 -17.02 6.19
CA ASN A 207 -45.75 -16.94 6.54
C ASN A 207 -45.04 -15.88 5.74
N CYS A 208 -45.15 -15.95 4.39
CA CYS A 208 -44.48 -15.01 3.55
C CYS A 208 -44.56 -13.59 4.08
N ARG A 209 -45.73 -13.19 4.57
CA ARG A 209 -45.87 -11.81 5.03
C ARG A 209 -45.12 -11.60 6.33
N LEU A 210 -45.28 -12.53 7.30
CA LEU A 210 -44.50 -12.45 8.51
C LEU A 210 -43.01 -12.65 8.25
N SER A 211 -42.67 -13.28 7.12
CA SER A 211 -41.29 -13.46 6.68
C SER A 211 -40.71 -12.21 6.04
N MET A 212 -41.44 -11.09 6.06
CA MET A 212 -40.86 -9.86 5.53
C MET A 212 -40.16 -9.03 6.58
N GLY A 213 -40.24 -9.39 7.85
CA GLY A 213 -39.48 -8.63 8.81
C GLY A 213 -38.51 -9.52 9.57
N VAL A 214 -37.91 -8.93 10.59
CA VAL A 214 -37.06 -9.70 11.49
C VAL A 214 -37.92 -10.60 12.37
N ASN A 215 -38.88 -10.01 13.08
CA ASN A 215 -39.86 -10.81 13.78
C ASN A 215 -41.07 -11.00 12.88
N SER A 216 -41.92 -11.96 13.26
CA SER A 216 -43.31 -11.91 12.83
C SER A 216 -43.96 -10.65 13.34
N LYS A 217 -43.54 -10.17 14.51
CA LYS A 217 -44.06 -8.93 15.09
C LYS A 217 -43.02 -7.81 15.01
N SER A 218 -42.25 -7.83 13.93
CA SER A 218 -41.45 -6.68 13.62
C SER A 218 -42.36 -5.56 13.16
N HIS A 219 -41.96 -4.34 13.47
CA HIS A 219 -42.85 -3.24 13.16
C HIS A 219 -42.79 -2.85 11.70
N TYR A 220 -41.63 -2.94 11.08
CA TYR A 220 -41.41 -2.65 9.66
C TYR A 220 -41.32 -3.94 8.91
N ILE A 221 -41.49 -3.90 7.61
CA ILE A 221 -40.91 -4.91 6.77
C ILE A 221 -39.64 -4.32 6.16
N LEU A 222 -38.83 -5.18 5.54
CA LEU A 222 -37.71 -4.77 4.68
C LEU A 222 -37.98 -5.14 3.22
N ARG A 223 -37.83 -4.15 2.32
CA ARG A 223 -37.86 -4.35 0.88
C ARG A 223 -36.56 -3.85 0.25
N SER A 224 -35.82 -4.73 -0.39
CA SER A 224 -34.58 -4.30 -1.02
C SER A 224 -34.87 -3.54 -2.31
N GLY A 225 -33.85 -2.81 -2.77
CA GLY A 225 -33.83 -2.10 -4.03
C GLY A 225 -32.52 -1.35 -4.20
N LEU A 226 -32.59 -0.20 -4.86
CA LEU A 226 -31.43 0.63 -5.17
C LEU A 226 -31.57 2.01 -4.56
N LEU A 227 -30.43 2.69 -4.39
CA LEU A 227 -30.38 4.13 -4.16
C LEU A 227 -29.67 4.74 -5.36
N LYS A 228 -30.37 5.65 -6.02
CA LYS A 228 -29.87 6.39 -7.18
C LYS A 228 -29.19 7.68 -6.71
N TYR A 229 -28.04 7.98 -7.30
CA TYR A 229 -27.33 9.25 -7.02
C TYR A 229 -26.81 9.75 -8.36
N ASN A 230 -27.37 10.84 -8.87
CA ASN A 230 -27.00 11.36 -10.21
C ASN A 230 -25.96 12.46 -10.00
N LEU A 231 -24.72 12.18 -10.35
CA LEU A 231 -23.64 13.15 -10.09
C LEU A 231 -23.90 14.45 -10.88
N SER A 232 -24.38 14.31 -12.12
CA SER A 232 -24.67 15.50 -12.95
C SER A 232 -25.23 16.65 -12.10
N LEU A 233 -26.34 16.44 -11.41
CA LEU A 233 -26.96 17.54 -10.62
C LEU A 233 -25.85 18.37 -9.97
N ILE A 237 -26.75 17.00 -2.65
CA ILE A 237 -27.16 16.24 -3.83
C ILE A 237 -28.02 15.09 -3.32
N ILE A 238 -28.95 14.60 -4.15
CA ILE A 238 -30.12 13.87 -3.68
C ILE A 238 -30.08 12.39 -4.08
N LEU A 239 -30.34 11.52 -3.10
CA LEU A 239 -30.50 10.09 -3.29
C LEU A 239 -31.98 9.71 -3.42
N GLN A 240 -32.28 8.83 -4.38
CA GLN A 240 -33.65 8.40 -4.64
C GLN A 240 -33.78 6.90 -4.44
N PHE A 241 -34.64 6.48 -3.51
CA PHE A 241 -34.84 5.05 -3.31
C PHE A 241 -35.66 4.45 -4.44
N ILE A 242 -35.17 3.34 -5.00
CA ILE A 242 -35.93 2.58 -6.04
C ILE A 242 -36.29 1.29 -5.33
N GLU A 243 -37.32 0.58 -5.78
CA GLU A 243 -37.77 -0.61 -5.00
C GLU A 243 -37.80 -1.83 -5.90
N ILE A 244 -37.52 -3.00 -5.31
CA ILE A 244 -37.42 -4.23 -6.14
C ILE A 244 -38.79 -4.73 -6.54
N ALA A 245 -38.85 -5.38 -7.69
CA ALA A 245 -40.12 -5.88 -8.24
C ALA A 245 -40.70 -7.00 -7.39
N ASP A 246 -42.00 -7.21 -7.49
CA ASP A 246 -42.72 -8.25 -6.71
C ASP A 246 -42.18 -9.63 -7.09
N ASN A 247 -41.65 -9.80 -8.28
CA ASN A 247 -41.29 -11.17 -8.69
C ASN A 247 -40.33 -11.74 -7.65
N ARG A 248 -40.59 -12.96 -7.18
CA ARG A 248 -39.69 -13.65 -6.22
C ARG A 248 -39.44 -12.79 -4.98
N LEU A 249 -40.47 -12.16 -4.44
CA LEU A 249 -40.25 -11.22 -3.31
C LEU A 249 -39.80 -11.93 -2.04
N THR A 250 -38.67 -11.51 -1.46
CA THR A 250 -38.20 -11.98 -0.16
C THR A 250 -37.68 -10.78 0.61
N ILE A 251 -37.44 -11.00 1.91
CA ILE A 251 -37.11 -9.90 2.81
C ILE A 251 -35.94 -9.06 2.28
N GLY A 252 -36.02 -7.75 2.50
CA GLY A 252 -34.89 -6.87 2.28
C GLY A 252 -33.63 -7.41 2.92
N SER A 253 -32.64 -7.70 2.10
CA SER A 253 -31.44 -8.41 2.52
C SER A 253 -30.25 -7.74 1.87
N PRO A 254 -29.04 -7.91 2.46
CA PRO A 254 -27.80 -7.54 1.80
C PRO A 254 -27.70 -8.06 0.39
N SER A 255 -27.52 -7.17 -0.58
CA SER A 255 -27.56 -7.54 -1.98
C SER A 255 -26.56 -6.70 -2.76
N LYS A 256 -26.42 -7.02 -4.05
CA LYS A 256 -25.32 -6.47 -4.83
C LYS A 256 -25.74 -6.40 -6.29
N ILE A 257 -25.62 -5.26 -6.88
CA ILE A 257 -25.72 -5.12 -8.33
C ILE A 257 -24.33 -4.91 -8.89
N TYR A 258 -24.13 -5.48 -10.09
CA TYR A 258 -22.82 -5.40 -10.76
C TYR A 258 -23.04 -5.57 -12.26
N ASN A 259 -22.07 -5.21 -13.09
CA ASN A 259 -22.29 -5.28 -14.56
C ASN A 259 -21.34 -6.30 -15.18
N SER A 260 -21.88 -7.26 -15.93
CA SER A 260 -21.03 -8.24 -16.64
C SER A 260 -21.37 -8.21 -18.12
N LEU A 261 -20.38 -8.07 -18.98
CA LEU A 261 -20.61 -8.16 -20.44
C LEU A 261 -21.61 -7.08 -20.84
N GLY A 262 -21.63 -5.96 -20.14
CA GLY A 262 -22.45 -4.81 -20.57
C GLY A 262 -23.91 -4.95 -20.22
N GLN A 263 -24.28 -6.01 -19.52
CA GLN A 263 -25.69 -6.11 -19.07
C GLN A 263 -25.64 -6.22 -17.55
N PRO A 264 -26.41 -5.41 -16.81
CA PRO A 264 -26.34 -5.43 -15.36
C PRO A 264 -26.92 -6.71 -14.74
N VAL A 265 -26.37 -7.18 -13.63
CA VAL A 265 -26.88 -8.39 -12.92
C VAL A 265 -27.09 -8.08 -11.44
N PHE A 266 -28.14 -8.64 -10.83
CA PHE A 266 -28.48 -8.43 -9.43
C PHE A 266 -28.29 -9.75 -8.69
N TYR A 267 -27.79 -9.67 -7.45
CA TYR A 267 -27.75 -10.76 -6.49
C TYR A 267 -28.45 -10.29 -5.22
N GLN A 268 -29.43 -11.05 -4.75
CA GLN A 268 -30.02 -10.80 -3.44
C GLN A 268 -29.68 -11.96 -2.53
N ALA A 269 -29.14 -11.68 -1.35
CA ALA A 269 -28.90 -12.73 -0.37
C ALA A 269 -30.25 -13.25 0.15
N SER A 270 -30.29 -14.55 0.47
CA SER A 270 -31.52 -15.25 0.82
C SER A 270 -31.66 -15.43 2.34
N TYR A 271 -31.98 -14.35 3.04
CA TYR A 271 -32.22 -14.36 4.48
C TYR A 271 -33.59 -14.89 4.91
N SER A 272 -34.38 -15.50 4.03
CA SER A 272 -35.61 -16.11 4.50
C SER A 272 -35.84 -17.37 3.71
N TRP A 273 -37.02 -17.99 3.94
CA TRP A 273 -37.34 -19.36 3.53
C TRP A 273 -36.93 -19.74 2.12
N ASP A 274 -36.95 -18.83 1.17
CA ASP A 274 -36.53 -19.17 -0.21
C ASP A 274 -35.01 -19.25 -0.26
N THR A 275 -34.47 -20.45 -0.01
CA THR A 275 -33.03 -20.59 0.21
C THR A 275 -32.22 -20.81 -1.07
N MET A 276 -32.84 -21.27 -2.14
CA MET A 276 -32.11 -21.39 -3.38
C MET A 276 -31.60 -20.02 -3.81
N ILE A 277 -30.43 -20.00 -4.46
CA ILE A 277 -29.74 -18.73 -4.71
C ILE A 277 -30.60 -17.76 -5.53
N LYS A 278 -30.51 -16.46 -5.20
CA LYS A 278 -31.28 -15.41 -5.88
C LYS A 278 -30.33 -14.52 -6.69
N LEU A 279 -30.22 -14.79 -7.99
CA LEU A 279 -29.47 -13.88 -8.84
C LEU A 279 -30.10 -13.89 -10.21
N GLY A 280 -29.71 -12.91 -11.02
CA GLY A 280 -30.21 -12.86 -12.38
C GLY A 280 -29.98 -11.51 -13.01
N ASP A 281 -30.14 -11.47 -14.32
CA ASP A 281 -29.95 -10.23 -15.05
C ASP A 281 -31.05 -9.23 -14.69
N VAL A 282 -30.66 -7.98 -14.46
CA VAL A 282 -31.70 -6.96 -14.30
C VAL A 282 -32.24 -6.63 -15.67
N ASP A 283 -33.56 -6.59 -15.77
CA ASP A 283 -34.21 -6.19 -17.00
C ASP A 283 -34.23 -4.67 -17.08
N THR A 284 -34.82 -4.04 -16.09
CA THR A 284 -34.88 -2.60 -15.98
C THR A 284 -34.23 -2.21 -14.66
N VAL A 285 -33.85 -0.93 -14.55
CA VAL A 285 -33.24 -0.45 -13.32
C VAL A 285 -34.14 0.54 -12.57
N ASP A 286 -34.99 1.31 -13.28
CA ASP A 286 -36.05 2.17 -12.73
C ASP A 286 -37.41 1.73 -13.26
N PRO A 287 -38.29 1.08 -12.47
CA PRO A 287 -37.96 0.53 -11.14
C PRO A 287 -37.28 -0.81 -11.31
N LEU A 288 -36.82 -1.40 -10.20
CA LEU A 288 -35.84 -2.48 -10.27
C LEU A 288 -36.57 -3.79 -10.53
N ARG A 289 -36.44 -4.33 -11.73
CA ARG A 289 -36.96 -5.63 -12.04
C ARG A 289 -35.82 -6.54 -12.42
N VAL A 290 -35.75 -7.71 -11.79
CA VAL A 290 -34.71 -8.70 -12.05
C VAL A 290 -35.41 -9.95 -12.55
N GLN A 291 -34.88 -10.59 -13.59
CA GLN A 291 -35.40 -11.89 -14.02
C GLN A 291 -34.58 -12.99 -13.35
N TRP A 292 -35.06 -13.44 -12.19
CA TRP A 292 -34.31 -14.40 -11.39
C TRP A 292 -34.08 -15.73 -12.10
N ARG A 293 -32.88 -16.31 -11.90
CA ARG A 293 -32.58 -17.64 -12.41
C ARG A 293 -33.33 -18.70 -11.63
N ASN A 294 -33.77 -19.73 -12.35
CA ASN A 294 -34.35 -20.95 -11.76
C ASN A 294 -33.22 -21.91 -11.43
N ASN A 295 -32.50 -21.58 -10.36
CA ASN A 295 -31.27 -22.26 -10.01
C ASN A 295 -31.54 -23.30 -8.91
N SER A 296 -31.11 -24.53 -9.15
CA SER A 296 -31.52 -25.66 -8.35
C SER A 296 -30.35 -26.37 -7.70
N VAL A 297 -29.15 -25.80 -7.72
CA VAL A 297 -27.98 -26.49 -7.20
C VAL A 297 -27.26 -25.70 -6.10
N ILE A 298 -27.41 -24.37 -6.05
CA ILE A 298 -26.68 -23.54 -5.10
C ILE A 298 -27.68 -22.98 -4.11
N SER A 299 -27.47 -23.29 -2.83
CA SER A 299 -28.37 -22.77 -1.78
C SER A 299 -27.55 -22.15 -0.66
N ARG A 300 -28.17 -21.95 0.49
CA ARG A 300 -27.48 -21.23 1.57
C ARG A 300 -27.61 -21.98 2.88
N PRO A 301 -26.58 -21.95 3.76
CA PRO A 301 -26.72 -22.55 5.07
C PRO A 301 -27.64 -21.74 5.98
N GLY A 302 -28.71 -22.35 6.52
CA GLY A 302 -29.57 -21.64 7.43
C GLY A 302 -29.30 -22.04 8.86
N GLN A 303 -30.33 -22.00 9.69
CA GLN A 303 -30.27 -22.64 11.00
C GLN A 303 -31.38 -23.68 11.08
N SER A 304 -31.80 -23.99 12.31
CA SER A 304 -32.76 -25.07 12.53
C SER A 304 -34.03 -24.94 11.67
N GLN A 305 -34.57 -23.71 11.53
CA GLN A 305 -35.91 -23.49 10.99
C GLN A 305 -35.98 -23.48 9.46
N CYS A 306 -34.92 -23.02 8.78
CA CYS A 306 -34.90 -22.87 7.32
C CYS A 306 -33.52 -23.27 6.82
N PRO A 307 -33.27 -24.55 6.65
CA PRO A 307 -31.94 -25.02 6.23
C PRO A 307 -31.75 -24.96 4.72
N ARG A 308 -30.51 -25.26 4.30
CA ARG A 308 -30.15 -25.34 2.89
C ARG A 308 -31.20 -26.13 2.15
N PHE A 309 -31.53 -25.65 0.95
CA PHE A 309 -32.35 -26.32 -0.05
C PHE A 309 -33.84 -26.30 0.31
N ASN A 310 -34.24 -25.62 1.39
CA ASN A 310 -35.64 -25.52 1.76
C ASN A 310 -36.37 -24.65 0.75
N VAL A 311 -37.56 -25.07 0.36
CA VAL A 311 -38.37 -24.33 -0.60
C VAL A 311 -39.74 -23.95 -0.02
N CYS A 312 -40.08 -24.43 1.16
CA CYS A 312 -41.42 -24.27 1.71
C CYS A 312 -41.51 -23.05 2.63
N PRO A 313 -42.49 -22.16 2.42
CA PRO A 313 -42.61 -20.91 3.19
C PRO A 313 -42.81 -20.99 4.70
N GLU A 314 -41.75 -20.73 5.47
CA GLU A 314 -41.82 -20.73 6.92
C GLU A 314 -41.43 -19.35 7.44
N VAL A 315 -41.70 -19.11 8.73
CA VAL A 315 -41.39 -17.83 9.38
C VAL A 315 -39.98 -17.97 9.95
N CYS A 316 -39.00 -17.50 9.18
CA CYS A 316 -37.60 -17.49 9.62
C CYS A 316 -36.92 -16.24 9.08
N TRP A 317 -35.95 -15.75 9.84
CA TRP A 317 -34.94 -14.82 9.35
C TRP A 317 -33.57 -15.40 9.70
N GLU A 318 -32.88 -15.88 8.67
CA GLU A 318 -31.55 -16.43 8.89
C GLU A 318 -30.92 -16.79 7.56
N GLY A 319 -29.61 -16.58 7.47
CA GLY A 319 -28.87 -16.89 6.28
C GLY A 319 -27.59 -16.09 6.25
N THR A 320 -26.73 -16.44 5.28
CA THR A 320 -25.46 -15.76 5.08
C THR A 320 -25.38 -15.27 3.64
N TYR A 321 -24.75 -14.11 3.47
CA TYR A 321 -24.51 -13.55 2.15
C TYR A 321 -23.42 -14.34 1.46
N ASN A 322 -23.73 -14.99 0.36
CA ASN A 322 -22.71 -15.73 -0.37
C ASN A 322 -22.98 -15.46 -1.85
N ASP A 323 -22.43 -14.38 -2.38
CA ASP A 323 -22.86 -13.98 -3.73
C ASP A 323 -22.10 -14.73 -4.83
N ALA A 324 -22.61 -14.65 -6.05
CA ALA A 324 -21.94 -15.21 -7.22
C ALA A 324 -21.90 -14.17 -8.35
N PHE A 325 -21.12 -14.50 -9.39
CA PHE A 325 -20.74 -13.55 -10.45
C PHE A 325 -20.89 -14.25 -11.79
N LEU A 326 -21.48 -13.61 -12.81
CA LEU A 326 -21.79 -14.31 -14.10
C LEU A 326 -20.64 -14.29 -15.10
N ILE A 327 -19.83 -15.36 -15.19
CA ILE A 327 -18.75 -15.42 -16.22
C ILE A 327 -19.22 -15.51 -17.69
N ASP A 328 -20.22 -16.34 -18.06
CA ASP A 328 -20.58 -16.46 -19.51
C ASP A 328 -22.10 -16.38 -19.68
N ARG A 329 -22.61 -15.36 -20.36
CA ARG A 329 -24.08 -15.18 -20.52
C ARG A 329 -24.78 -16.23 -21.38
N LEU A 330 -24.20 -16.60 -22.51
CA LEU A 330 -24.95 -17.48 -23.45
C LEU A 330 -25.21 -18.83 -22.80
N ASN A 331 -24.21 -19.33 -22.08
CA ASN A 331 -24.38 -20.64 -21.42
C ASN A 331 -24.64 -20.37 -19.94
N TRP A 332 -24.67 -19.10 -19.54
CA TRP A 332 -25.01 -18.72 -18.15
C TRP A 332 -24.11 -19.40 -17.13
N VAL A 333 -22.81 -19.50 -17.41
CA VAL A 333 -21.92 -20.07 -16.37
C VAL A 333 -21.64 -18.98 -15.34
N SER A 334 -21.62 -19.33 -14.06
CA SER A 334 -21.44 -18.32 -12.99
C SER A 334 -20.52 -18.86 -11.90
N ALA A 335 -19.89 -18.00 -11.10
CA ALA A 335 -18.92 -18.48 -10.10
C ALA A 335 -19.10 -17.81 -8.72
N GLY A 336 -19.01 -18.58 -7.63
CA GLY A 336 -19.15 -18.03 -6.30
C GLY A 336 -18.67 -19.01 -5.25
N VAL A 337 -18.38 -18.47 -4.08
CA VAL A 337 -18.07 -19.32 -2.95
C VAL A 337 -19.36 -19.54 -2.19
N TYR A 338 -19.66 -20.80 -1.92
CA TYR A 338 -20.81 -21.15 -1.11
C TYR A 338 -20.35 -22.04 0.04
N LEU A 339 -21.17 -22.09 1.06
CA LEU A 339 -20.90 -22.90 2.22
C LEU A 339 -21.71 -24.18 2.06
N ASN A 340 -21.04 -25.32 2.05
CA ASN A 340 -21.68 -26.64 1.85
C ASN A 340 -22.19 -27.20 3.18
N SER A 341 -22.91 -26.39 3.95
CA SER A 341 -23.45 -26.84 5.24
C SER A 341 -24.95 -26.58 5.34
N ASN A 342 -25.74 -27.56 5.79
CA ASN A 342 -27.17 -27.27 6.04
C ASN A 342 -27.21 -26.96 7.52
N GLN A 343 -27.69 -25.78 7.90
CA GLN A 343 -27.86 -25.43 9.34
C GLN A 343 -26.53 -25.12 10.04
N THR A 344 -25.44 -24.93 9.30
CA THR A 344 -24.13 -24.56 9.91
C THR A 344 -23.29 -23.71 8.95
N ALA A 345 -22.31 -22.94 9.46
CA ALA A 345 -21.43 -22.09 8.63
C ALA A 345 -20.09 -22.77 8.36
N GLU A 346 -20.07 -24.07 8.14
CA GLU A 346 -18.85 -24.86 7.79
C GLU A 346 -18.63 -25.10 6.30
N ASN A 347 -17.48 -25.68 5.94
CA ASN A 347 -17.19 -26.12 4.55
C ASN A 347 -17.13 -25.13 3.39
N PRO A 348 -16.53 -23.94 3.49
CA PRO A 348 -16.34 -23.06 2.33
C PRO A 348 -15.94 -23.80 1.04
N VAL A 349 -16.53 -23.47 -0.12
CA VAL A 349 -16.23 -24.08 -1.42
C VAL A 349 -16.38 -23.07 -2.56
N PHE A 350 -15.35 -22.95 -3.41
CA PHE A 350 -15.46 -22.17 -4.64
C PHE A 350 -16.00 -23.03 -5.77
N ALA A 351 -17.07 -22.56 -6.41
CA ALA A 351 -17.76 -23.32 -7.44
C ALA A 351 -17.99 -22.48 -8.68
N VAL A 352 -17.92 -23.12 -9.85
CA VAL A 352 -18.29 -22.49 -11.15
C VAL A 352 -19.51 -23.30 -11.55
N PHE A 353 -20.65 -22.66 -11.80
CA PHE A 353 -21.89 -23.44 -11.92
C PHE A 353 -22.90 -22.95 -12.95
N LYS A 354 -23.85 -23.84 -13.25
CA LYS A 354 -24.95 -23.52 -14.18
C LYS A 354 -26.20 -23.76 -13.34
N ASP A 355 -27.34 -23.20 -13.71
CA ASP A 355 -28.48 -23.26 -12.77
C ASP A 355 -28.90 -24.69 -12.45
N ASN A 356 -28.96 -25.60 -13.40
CA ASN A 356 -29.37 -26.97 -13.01
C ASN A 356 -28.15 -27.88 -12.79
N GLU A 357 -26.95 -27.38 -13.00
CA GLU A 357 -25.75 -28.26 -12.89
C GLU A 357 -24.58 -27.51 -12.25
N ILE A 358 -23.71 -28.23 -11.54
CA ILE A 358 -22.47 -27.58 -11.05
C ILE A 358 -21.35 -28.22 -11.88
N LEU A 359 -20.54 -27.40 -12.53
CA LEU A 359 -19.52 -27.95 -13.45
C LEU A 359 -18.30 -28.34 -12.62
N TYR A 360 -17.70 -27.41 -11.88
CA TYR A 360 -16.49 -27.81 -11.14
C TYR A 360 -16.29 -26.95 -9.91
N GLN A 361 -15.47 -27.46 -8.99
CA GLN A 361 -15.39 -26.92 -7.64
C GLN A 361 -13.98 -27.10 -7.07
N VAL A 362 -13.76 -26.47 -5.93
CA VAL A 362 -12.58 -26.70 -5.11
C VAL A 362 -12.82 -26.13 -3.71
N PRO A 363 -12.71 -26.93 -2.67
CA PRO A 363 -12.78 -26.38 -1.32
C PRO A 363 -11.63 -25.41 -1.05
N LEU A 364 -11.86 -24.50 -0.12
CA LEU A 364 -10.92 -23.43 0.17
C LEU A 364 -10.39 -23.50 1.59
N ALA A 365 -10.63 -24.62 2.28
CA ALA A 365 -10.33 -24.83 3.69
C ALA A 365 -10.47 -26.33 4.00
N GLU A 366 -10.45 -26.70 5.30
CA GLU A 366 -10.69 -28.06 5.79
C GLU A 366 -12.17 -28.19 6.22
N ASP A 367 -12.56 -29.35 6.76
CA ASP A 367 -14.00 -29.58 6.93
C ASP A 367 -14.63 -28.75 8.04
N ASP A 368 -14.00 -28.65 9.19
CA ASP A 368 -14.75 -27.99 10.24
C ASP A 368 -14.60 -26.49 10.16
N THR A 369 -13.84 -26.06 9.15
CA THR A 369 -13.58 -24.61 8.98
C THR A 369 -14.92 -23.89 8.99
N ASN A 370 -15.02 -22.84 9.78
CA ASN A 370 -16.27 -22.07 9.77
C ASN A 370 -16.02 -20.78 8.99
N ALA A 371 -16.85 -20.48 7.98
CA ALA A 371 -16.66 -19.28 7.15
C ALA A 371 -18.01 -18.64 6.82
N GLN A 372 -18.46 -17.64 7.57
CA GLN A 372 -19.84 -17.08 7.38
C GLN A 372 -20.18 -16.40 6.05
N LYS A 373 -19.34 -15.56 5.45
CA LYS A 373 -19.82 -14.77 4.28
C LYS A 373 -18.83 -14.75 3.14
N THR A 374 -19.34 -14.64 1.92
CA THR A 374 -18.43 -14.65 0.76
C THR A 374 -18.87 -13.61 -0.29
N ILE A 375 -17.94 -12.75 -0.72
CA ILE A 375 -18.20 -11.74 -1.77
C ILE A 375 -17.28 -12.12 -2.91
N THR A 376 -17.75 -12.02 -4.15
CA THR A 376 -16.99 -12.55 -5.30
C THR A 376 -17.14 -11.64 -6.51
N ASP A 377 -16.02 -11.07 -6.98
CA ASP A 377 -16.00 -10.27 -8.20
C ASP A 377 -14.94 -10.84 -9.14
N CYS A 378 -15.23 -10.87 -10.44
CA CYS A 378 -14.32 -11.43 -11.43
C CYS A 378 -14.03 -10.40 -12.52
N PHE A 379 -13.01 -10.67 -13.33
CA PHE A 379 -12.52 -9.69 -14.29
C PHE A 379 -11.48 -10.34 -15.20
N LEU A 380 -10.99 -9.57 -16.16
CA LEU A 380 -9.92 -9.99 -17.05
C LEU A 380 -8.60 -9.37 -16.60
N LEU A 381 -7.62 -10.22 -16.30
CA LEU A 381 -6.24 -9.79 -16.08
C LEU A 381 -5.43 -10.26 -17.28
N GLU A 382 -5.00 -9.33 -18.13
CA GLU A 382 -4.29 -9.65 -19.37
C GLU A 382 -5.10 -10.64 -20.21
N ASN A 383 -6.41 -10.42 -20.26
CA ASN A 383 -7.33 -11.25 -21.06
C ASN A 383 -7.40 -12.69 -20.54
N VAL A 384 -7.20 -12.88 -19.23
CA VAL A 384 -7.51 -14.16 -18.59
C VAL A 384 -8.54 -13.92 -17.50
N ILE A 385 -9.55 -14.79 -17.43
CA ILE A 385 -10.65 -14.61 -16.49
C ILE A 385 -10.18 -15.04 -15.09
N TRP A 386 -10.01 -14.07 -14.22
CA TRP A 386 -9.64 -14.29 -12.83
C TRP A 386 -10.82 -13.91 -11.94
N CYS A 387 -10.85 -14.46 -10.73
CA CYS A 387 -11.88 -14.15 -9.75
C CYS A 387 -11.21 -13.84 -8.41
N ILE A 388 -11.69 -12.80 -7.73
CA ILE A 388 -11.27 -12.49 -6.36
C ILE A 388 -12.47 -12.77 -5.46
N SER A 389 -12.23 -13.52 -4.39
CA SER A 389 -13.29 -13.92 -3.46
C SER A 389 -12.85 -13.50 -2.08
N LEU A 390 -13.64 -12.68 -1.42
CA LEU A 390 -13.51 -12.49 0.01
C LEU A 390 -14.32 -13.56 0.72
N VAL A 391 -13.67 -14.30 1.64
CA VAL A 391 -14.33 -15.31 2.47
C VAL A 391 -14.05 -14.95 3.92
N GLU A 392 -15.09 -14.87 4.74
CA GLU A 392 -14.92 -14.51 6.18
C GLU A 392 -14.55 -15.76 6.99
N ILE A 393 -13.39 -16.36 6.71
CA ILE A 393 -12.93 -17.61 7.38
C ILE A 393 -12.50 -17.38 8.83
N TYR A 394 -12.66 -18.40 9.67
CA TYR A 394 -12.19 -18.33 11.07
C TYR A 394 -10.97 -19.22 11.24
N ASP A 395 -10.06 -18.86 12.14
CA ASP A 395 -8.88 -19.70 12.43
C ASP A 395 -9.40 -20.92 13.17
N THR A 396 -8.66 -22.02 13.17
CA THR A 396 -9.19 -23.29 13.75
C THR A 396 -9.50 -23.10 15.23
N GLY A 397 -8.69 -22.36 15.98
CA GLY A 397 -9.05 -22.09 17.38
C GLY A 397 -10.35 -21.32 17.41
N ASP A 398 -10.54 -20.34 16.52
CA ASP A 398 -11.84 -19.65 16.37
C ASP A 398 -12.08 -18.53 17.38
N ASN A 399 -13.29 -17.94 17.33
CA ASN A 399 -13.68 -16.78 18.18
C ASN A 399 -13.14 -15.55 17.47
N VAL A 400 -12.47 -15.78 16.33
CA VAL A 400 -11.94 -14.67 15.53
C VAL A 400 -12.40 -14.88 14.09
N ILE A 401 -12.91 -13.86 13.45
CA ILE A 401 -13.23 -14.04 12.01
C ILE A 401 -12.24 -13.13 11.30
N ARG A 402 -11.53 -13.68 10.35
CA ARG A 402 -10.53 -12.88 9.62
C ARG A 402 -10.88 -12.96 8.15
N PRO A 403 -11.15 -11.84 7.46
CA PRO A 403 -11.39 -11.92 6.00
C PRO A 403 -10.16 -12.42 5.27
N LYS A 404 -10.35 -13.43 4.41
CA LYS A 404 -9.28 -13.98 3.59
C LYS A 404 -9.64 -13.83 2.12
N LEU A 405 -8.70 -13.36 1.31
CA LEU A 405 -8.93 -13.05 -0.10
C LEU A 405 -8.27 -14.12 -0.96
N PHE A 406 -9.07 -14.90 -1.66
CA PHE A 406 -8.53 -15.91 -2.56
C PHE A 406 -8.65 -15.41 -3.98
N ALA A 407 -7.62 -15.64 -4.78
CA ALA A 407 -7.66 -15.39 -6.21
C ALA A 407 -7.69 -16.71 -6.95
N VAL A 408 -8.56 -16.81 -7.96
CA VAL A 408 -8.82 -18.06 -8.65
C VAL A 408 -8.94 -17.83 -10.14
N LYS A 409 -8.10 -18.47 -10.92
CA LYS A 409 -8.17 -18.36 -12.37
C LYS A 409 -9.23 -19.32 -12.91
N ILE A 410 -10.08 -18.84 -13.80
CA ILE A 410 -11.08 -19.67 -14.46
C ILE A 410 -10.45 -20.31 -15.70
N PRO A 411 -10.35 -21.63 -15.77
CA PRO A 411 -9.71 -22.29 -16.91
C PRO A 411 -10.47 -22.11 -18.22
N ALA A 412 -9.72 -21.99 -19.32
CA ALA A 412 -10.28 -21.91 -20.67
C ALA A 412 -10.42 -23.28 -21.32
N GLN A 413 -9.45 -24.17 -21.08
CA GLN A 413 -9.53 -25.58 -21.40
C GLN A 413 -10.02 -26.38 -20.19
N CYS A 414 -10.62 -27.53 -20.46
CA CYS A 414 -11.03 -28.44 -19.39
C CYS A 414 -10.01 -29.57 -19.27
N SER A 415 -8.77 -29.14 -19.05
CA SER A 415 -7.57 -29.99 -19.10
C SER A 415 -7.38 -30.75 -17.80
N GLU A 416 -6.21 -31.37 -17.63
CA GLU A 416 -5.92 -32.21 -16.47
C GLU A 416 -5.47 -31.37 -15.24
N ILE B 1 20.40 4.86 -24.31
CA ILE B 1 20.86 6.04 -23.58
C ILE B 1 21.57 7.10 -24.46
N CYS B 2 21.06 8.34 -24.37
CA CYS B 2 21.67 9.50 -25.01
C CYS B 2 23.01 9.86 -24.38
N LEU B 3 23.94 10.30 -25.22
CA LEU B 3 25.31 10.63 -24.81
C LEU B 3 25.77 11.97 -25.38
N GLN B 4 24.84 12.86 -25.72
CA GLN B 4 25.12 14.09 -26.46
C GLN B 4 24.72 15.29 -25.61
N LYS B 5 25.67 16.19 -25.36
CA LYS B 5 25.37 17.42 -24.60
C LYS B 5 24.33 18.25 -25.34
N THR B 6 23.31 18.71 -24.60
CA THR B 6 22.30 19.62 -25.13
C THR B 6 21.68 20.45 -24.02
N THR B 7 21.25 21.66 -24.38
CA THR B 7 20.49 22.53 -23.49
C THR B 7 19.00 22.30 -23.59
N SER B 8 18.59 21.27 -24.32
CA SER B 8 17.18 20.91 -24.43
C SER B 8 16.73 20.17 -23.17
N THR B 9 15.60 20.61 -22.61
CA THR B 9 14.98 19.88 -21.50
C THR B 9 14.22 18.68 -22.07
N ILE B 10 15.00 17.69 -22.52
CA ILE B 10 14.44 16.41 -22.94
C ILE B 10 14.00 15.58 -21.75
N LEU B 11 14.42 15.97 -20.55
CA LEU B 11 14.00 15.29 -19.34
C LEU B 11 12.62 15.82 -18.91
N LYS B 12 11.75 14.91 -18.49
CA LYS B 12 10.39 15.23 -18.03
C LYS B 12 10.10 14.51 -16.72
N PRO B 13 10.34 15.15 -15.59
CA PRO B 13 10.04 14.52 -14.30
C PRO B 13 8.55 14.35 -14.05
N ARG B 14 8.19 13.23 -13.42
CA ARG B 14 6.81 12.99 -13.02
C ARG B 14 6.75 12.64 -11.54
N LEU B 15 6.14 13.52 -10.75
CA LEU B 15 5.91 13.24 -9.33
C LEU B 15 5.01 12.00 -9.20
N ILE B 16 5.39 11.07 -8.32
CA ILE B 16 4.66 9.81 -8.28
C ILE B 16 4.26 9.41 -6.88
N SER B 17 4.09 10.42 -6.02
CA SER B 17 3.47 10.29 -4.70
C SER B 17 4.19 9.32 -3.78
N GLU B 26 -0.73 16.73 10.51
CA GLU B 26 -1.53 17.71 11.22
C GLU B 26 -0.82 19.09 11.21
N GLY B 27 0.31 19.18 11.94
CA GLY B 27 1.16 20.36 12.03
C GLY B 27 2.65 20.05 11.97
N VAL B 28 3.03 19.08 11.15
CA VAL B 28 4.29 18.36 11.31
C VAL B 28 5.27 18.58 10.16
N CYS B 29 6.45 17.98 10.28
CA CYS B 29 7.54 18.02 9.30
C CYS B 29 8.08 16.60 9.08
N ILE B 30 8.33 16.25 7.83
CA ILE B 30 8.74 14.89 7.46
C ILE B 30 10.21 14.94 7.04
N THR B 31 11.09 14.35 7.84
CA THR B 31 12.52 14.56 7.74
C THR B 31 13.30 13.23 7.80
N ASP B 32 14.62 13.33 7.73
CA ASP B 32 15.53 12.18 7.80
C ASP B 32 15.11 11.01 6.91
N PRO B 33 15.02 11.23 5.59
CA PRO B 33 14.43 10.22 4.72
C PRO B 33 15.44 9.25 4.13
N LEU B 34 14.93 8.06 3.77
CA LEU B 34 15.67 6.92 3.24
C LEU B 34 15.00 6.38 1.99
N LEU B 35 15.81 6.04 0.98
CA LEU B 35 15.31 5.36 -0.22
C LEU B 35 16.34 4.35 -0.73
N ALA B 36 15.91 3.11 -0.92
CA ALA B 36 16.68 2.09 -1.62
C ALA B 36 15.79 1.43 -2.65
N VAL B 37 16.37 1.02 -3.77
CA VAL B 37 15.61 0.39 -4.85
C VAL B 37 16.42 -0.76 -5.41
N ASP B 38 15.80 -1.94 -5.49
CA ASP B 38 16.54 -3.16 -5.85
C ASP B 38 15.62 -4.19 -6.47
N ASN B 39 15.86 -4.50 -7.75
CA ASN B 39 15.28 -5.66 -8.44
C ASN B 39 13.75 -5.64 -8.45
N GLY B 40 13.15 -4.45 -8.46
CA GLY B 40 11.72 -4.33 -8.49
C GLY B 40 11.12 -3.84 -7.19
N PHE B 41 11.89 -3.88 -6.10
CA PHE B 41 11.41 -3.52 -4.78
C PHE B 41 12.06 -2.23 -4.31
N PHE B 42 11.53 -1.67 -3.22
CA PHE B 42 12.08 -0.42 -2.69
C PHE B 42 11.93 -0.42 -1.18
N ALA B 43 12.80 0.34 -0.54
CA ALA B 43 12.75 0.65 0.90
C ALA B 43 12.70 2.15 1.08
N TYR B 44 11.80 2.60 1.95
CA TYR B 44 11.80 3.99 2.35
C TYR B 44 11.65 4.10 3.85
N SER B 45 12.10 5.23 4.36
CA SER B 45 11.89 5.55 5.78
C SER B 45 11.80 7.06 5.96
N HIS B 46 11.08 7.48 7.00
CA HIS B 46 11.19 8.88 7.38
C HIS B 46 10.85 9.05 8.85
N LEU B 47 11.13 10.24 9.35
CA LEU B 47 10.79 10.64 10.71
C LEU B 47 9.79 11.79 10.65
N GLU B 48 8.62 11.58 11.23
CA GLU B 48 7.63 12.62 11.44
C GLU B 48 7.97 13.35 12.73
N LYS B 49 8.42 14.59 12.63
CA LYS B 49 8.71 15.48 13.76
C LYS B 49 7.59 16.52 13.90
N ILE B 50 7.32 16.93 15.14
CA ILE B 50 6.36 18.00 15.40
C ILE B 50 7.10 19.31 15.58
N GLY B 51 6.96 20.21 14.61
CA GLY B 51 7.54 21.54 14.70
C GLY B 51 8.77 21.69 13.81
N SER B 52 9.81 22.27 14.41
CA SER B 52 11.06 22.59 13.67
C SER B 52 11.72 21.31 13.20
N CYS B 53 12.03 21.23 11.92
CA CYS B 53 12.56 19.94 11.47
C CYS B 53 13.89 19.65 12.20
N THR B 54 14.75 20.64 12.34
CA THR B 54 16.00 20.40 13.12
C THR B 54 15.79 20.13 14.61
N ARG B 55 14.92 20.90 15.29
CA ARG B 55 14.77 20.75 16.77
C ARG B 55 13.46 20.14 17.21
N GLY B 56 12.62 19.70 16.28
CA GLY B 56 11.29 19.20 16.64
C GLY B 56 11.26 17.86 17.36
N ILE B 57 10.28 17.66 18.25
CA ILE B 57 10.11 16.33 18.89
C ILE B 57 9.59 15.41 17.78
N ALA B 58 9.73 14.09 17.91
CA ALA B 58 9.36 13.24 16.76
C ALA B 58 8.10 12.43 17.03
N LYS B 59 7.16 12.46 16.10
CA LYS B 59 5.88 11.75 16.31
C LYS B 59 6.03 10.28 15.90
N GLN B 60 6.42 10.04 14.65
CA GLN B 60 6.45 8.64 14.18
C GLN B 60 7.67 8.39 13.30
N ARG B 61 8.16 7.16 13.27
CA ARG B 61 9.25 6.79 12.34
C ARG B 61 8.71 5.61 11.55
N ILE B 62 8.76 5.68 10.24
CA ILE B 62 8.16 4.58 9.45
C ILE B 62 9.29 3.94 8.64
N ILE B 63 9.37 2.62 8.69
CA ILE B 63 10.37 1.92 7.84
C ILE B 63 9.51 0.99 7.00
N GLY B 64 9.51 1.20 5.70
CA GLY B 64 8.65 0.42 4.84
C GLY B 64 9.43 -0.14 3.67
N VAL B 65 8.84 -1.18 3.08
CA VAL B 65 9.31 -1.74 1.82
C VAL B 65 8.09 -1.91 0.93
N GLY B 66 8.35 -2.07 -0.36
CA GLY B 66 7.27 -2.23 -1.31
C GLY B 66 7.79 -2.62 -2.67
N GLU B 67 6.91 -2.54 -3.65
CA GLU B 67 7.27 -2.92 -5.02
C GLU B 67 7.20 -1.70 -5.91
N VAL B 68 8.09 -1.65 -6.90
CA VAL B 68 8.08 -0.58 -7.89
C VAL B 68 7.53 -1.18 -9.17
N LEU B 69 6.36 -0.69 -9.58
CA LEU B 69 5.57 -1.27 -10.66
C LEU B 69 5.10 -0.15 -11.59
N ASP B 70 4.76 -0.53 -12.82
CA ASP B 70 4.07 0.39 -13.72
C ASP B 70 2.61 -0.02 -13.85
N ARG B 71 1.81 0.91 -14.36
CA ARG B 71 0.44 0.64 -14.75
C ARG B 71 0.42 0.68 -16.27
N GLY B 72 -0.74 0.97 -16.85
CA GLY B 72 -0.83 1.14 -18.29
C GLY B 72 0.03 2.28 -18.83
N ASP B 73 0.40 3.24 -17.99
CA ASP B 73 1.20 4.36 -18.43
C ASP B 73 2.70 4.08 -18.52
N LYS B 74 3.16 2.85 -18.22
CA LYS B 74 4.58 2.49 -18.33
C LYS B 74 5.46 3.46 -17.56
N VAL B 75 4.93 3.94 -16.43
CA VAL B 75 5.63 4.81 -15.52
C VAL B 75 5.77 4.07 -14.19
N PRO B 76 6.92 4.07 -13.55
CA PRO B 76 7.07 3.39 -12.27
C PRO B 76 6.17 3.99 -11.20
N SER B 77 5.76 3.16 -10.25
CA SER B 77 5.01 3.66 -9.11
C SER B 77 5.44 2.96 -7.84
N MET B 78 5.37 3.71 -6.75
CA MET B 78 5.56 3.17 -5.42
C MET B 78 4.31 2.40 -5.05
N PHE B 79 4.47 1.18 -4.52
CA PHE B 79 3.36 0.47 -3.86
C PHE B 79 3.94 -0.12 -2.58
N MET B 80 3.64 0.52 -1.46
CA MET B 80 4.04 0.01 -0.14
C MET B 80 3.50 -1.40 0.06
N THR B 81 4.32 -2.29 0.60
CA THR B 81 3.82 -3.59 0.98
C THR B 81 4.03 -3.95 2.45
N ASN B 82 5.04 -3.41 3.13
CA ASN B 82 5.29 -3.78 4.53
C ASN B 82 5.81 -2.56 5.28
N VAL B 83 5.31 -2.32 6.49
CA VAL B 83 5.59 -1.09 7.22
C VAL B 83 5.74 -1.38 8.72
N TRP B 84 6.77 -0.82 9.32
CA TRP B 84 7.10 -1.00 10.72
C TRP B 84 7.26 0.35 11.38
N THR B 85 6.68 0.51 12.56
CA THR B 85 6.83 1.70 13.39
C THR B 85 7.45 1.33 14.73
N PRO B 86 8.59 1.87 15.10
CA PRO B 86 9.15 1.59 16.42
C PRO B 86 8.36 2.27 17.52
N PRO B 87 8.20 1.60 18.66
CA PRO B 87 7.45 2.18 19.77
C PRO B 87 8.07 3.45 20.35
N ASN B 88 9.33 3.72 20.07
CA ASN B 88 9.83 5.03 20.42
C ASN B 88 10.64 5.60 19.27
N PRO B 89 10.18 6.71 18.67
CA PRO B 89 10.90 7.30 17.53
C PRO B 89 12.01 8.27 17.90
N SER B 90 12.18 8.57 19.18
CA SER B 90 13.22 9.44 19.68
C SER B 90 14.56 8.73 19.78
N THR B 91 14.59 7.42 19.57
CA THR B 91 15.74 6.60 19.86
C THR B 91 16.34 5.95 18.62
N ILE B 92 15.69 6.02 17.47
CA ILE B 92 16.16 5.33 16.27
C ILE B 92 16.80 6.35 15.34
N HIS B 93 17.95 6.00 14.74
CA HIS B 93 18.83 6.94 14.07
C HIS B 93 19.61 6.27 12.95
N HIS B 94 19.82 7.01 11.87
CA HIS B 94 20.73 6.63 10.78
C HIS B 94 20.49 5.21 10.26
N CYS B 95 19.27 4.93 9.82
CA CYS B 95 19.02 3.62 9.23
C CYS B 95 19.61 3.50 7.82
N SER B 96 20.03 2.31 7.44
CA SER B 96 20.51 2.02 6.08
C SER B 96 19.96 0.67 5.66
N SER B 97 19.55 0.51 4.40
CA SER B 97 18.89 -0.77 4.05
C SER B 97 19.57 -1.48 2.88
N THR B 98 19.63 -2.82 2.93
CA THR B 98 20.21 -3.64 1.84
C THR B 98 19.23 -4.77 1.54
N TYR B 99 19.13 -5.23 0.28
CA TYR B 99 18.09 -6.23 -0.06
C TYR B 99 18.67 -7.60 -0.45
N HIS B 100 18.25 -8.66 0.24
CA HIS B 100 18.68 -10.04 -0.14
C HIS B 100 17.54 -11.04 -0.23
N GLU B 101 17.38 -11.74 -1.35
CA GLU B 101 16.47 -12.92 -1.40
C GLU B 101 15.06 -12.67 -0.87
N ASP B 102 14.38 -11.61 -1.27
CA ASP B 102 12.96 -11.46 -0.85
C ASP B 102 12.90 -10.92 0.57
N PHE B 103 14.04 -10.52 1.10
CA PHE B 103 14.03 -9.85 2.42
C PHE B 103 14.75 -8.50 2.27
N TYR B 104 14.19 -7.44 2.82
CA TYR B 104 14.96 -6.17 2.81
C TYR B 104 15.39 -5.96 4.25
N TYR B 105 16.68 -5.80 4.49
CA TYR B 105 17.16 -5.70 5.88
C TYR B 105 17.65 -4.28 6.12
N THR B 106 17.11 -3.65 7.16
CA THR B 106 17.51 -2.27 7.48
C THR B 106 18.24 -2.27 8.81
N LEU B 107 19.42 -1.67 8.84
CA LEU B 107 20.29 -1.60 10.02
C LEU B 107 20.26 -0.20 10.62
N CYS B 108 19.81 -0.09 11.87
CA CYS B 108 19.68 1.20 12.55
C CYS B 108 20.58 1.28 13.78
N ALA B 109 20.85 2.50 14.21
CA ALA B 109 21.52 2.74 15.48
C ALA B 109 20.51 3.14 16.55
N VAL B 110 20.81 2.84 17.80
CA VAL B 110 19.94 3.16 18.92
C VAL B 110 20.63 4.16 19.83
N SER B 111 19.91 5.18 20.28
CA SER B 111 20.53 6.18 21.13
C SER B 111 19.55 6.65 22.18
N HIS B 112 20.08 7.00 23.34
CA HIS B 112 19.31 7.67 24.36
C HIS B 112 19.75 9.10 24.58
N VAL B 113 20.79 9.56 23.88
CA VAL B 113 21.26 10.93 23.99
C VAL B 113 21.07 11.69 22.68
N GLY B 114 20.14 11.24 21.85
CA GLY B 114 19.95 11.85 20.55
C GLY B 114 20.98 11.35 19.54
N ASP B 115 21.11 12.11 18.45
CA ASP B 115 21.91 11.75 17.28
C ASP B 115 23.35 11.42 17.68
N PRO B 116 23.83 10.18 17.48
CA PRO B 116 25.19 9.83 17.92
C PRO B 116 26.28 10.77 17.42
N ILE B 117 26.08 11.43 16.28
CA ILE B 117 27.12 12.27 15.69
C ILE B 117 27.33 13.52 16.53
N LEU B 118 26.25 14.05 17.11
CA LEU B 118 26.30 15.30 17.85
C LEU B 118 26.48 15.10 19.33
N ASN B 119 26.34 13.88 19.83
CA ASN B 119 26.59 13.73 21.25
C ASN B 119 27.43 12.49 21.45
N SER B 120 28.40 12.26 20.55
CA SER B 120 29.15 10.98 20.52
C SER B 120 29.90 10.60 21.81
N THR B 121 30.30 11.57 22.61
CA THR B 121 30.97 11.26 23.90
C THR B 121 30.00 10.49 24.79
N SER B 122 28.72 10.87 24.79
CA SER B 122 27.70 10.26 25.69
C SER B 122 26.97 9.06 25.08
N TRP B 123 27.28 8.65 23.86
CA TRP B 123 26.45 7.59 23.23
C TRP B 123 27.01 6.19 23.40
N THR B 124 26.27 5.31 24.08
CA THR B 124 26.67 3.89 24.16
C THR B 124 26.42 3.35 22.75
N GLU B 125 27.20 2.38 22.27
CA GLU B 125 26.92 1.98 20.88
C GLU B 125 25.86 0.90 20.96
N SER B 126 24.65 1.20 20.49
CA SER B 126 23.59 0.18 20.47
C SER B 126 23.12 0.05 19.02
N LEU B 127 23.07 -1.17 18.51
CA LEU B 127 22.71 -1.30 17.08
C LEU B 127 21.59 -2.32 16.98
N SER B 128 20.69 -2.13 16.01
CA SER B 128 19.52 -3.02 15.85
C SER B 128 19.29 -3.29 14.37
N LEU B 129 18.63 -4.38 14.04
CA LEU B 129 18.32 -4.70 12.62
C LEU B 129 16.82 -4.96 12.46
N ILE B 130 16.20 -4.46 11.39
CA ILE B 130 14.80 -4.75 11.06
C ILE B 130 14.76 -5.39 9.67
N ARG B 131 14.36 -6.66 9.59
CA ARG B 131 14.14 -7.25 8.28
C ARG B 131 12.66 -7.25 8.01
N LEU B 132 12.29 -6.71 6.84
CA LEU B 132 10.92 -6.70 6.35
C LEU B 132 10.87 -7.54 5.08
N ALA B 133 9.84 -8.39 5.00
CA ALA B 133 9.58 -9.12 3.78
C ALA B 133 8.88 -8.20 2.79
N VAL B 134 9.35 -8.23 1.54
CA VAL B 134 8.77 -7.38 0.49
C VAL B 134 7.50 -7.97 -0.10
N ARG B 135 7.16 -9.20 0.24
CA ARG B 135 5.87 -9.77 -0.15
C ARG B 135 5.36 -10.70 0.95
N PRO B 136 4.66 -10.13 1.96
CA PRO B 136 4.18 -10.86 3.13
C PRO B 136 3.03 -11.83 2.84
N ASP B 142 7.30 -15.01 11.75
CA ASP B 142 8.10 -13.80 11.54
C ASP B 142 8.67 -13.50 10.19
N TYR B 143 8.14 -14.09 9.12
CA TYR B 143 8.66 -13.75 7.81
C TYR B 143 8.51 -12.26 7.57
N ASN B 144 7.31 -11.74 7.85
CA ASN B 144 6.98 -10.34 7.54
C ASN B 144 7.96 -9.35 8.17
N GLN B 145 8.19 -9.46 9.48
CA GLN B 145 8.89 -8.41 10.24
C GLN B 145 9.69 -9.09 11.35
N LYS B 146 11.01 -8.94 11.34
CA LYS B 146 11.87 -9.45 12.40
C LYS B 146 12.76 -8.33 12.90
N TYR B 147 12.81 -8.15 14.22
CA TYR B 147 13.74 -7.24 14.86
C TYR B 147 14.90 -8.01 15.49
N ILE B 148 16.06 -7.37 15.57
CA ILE B 148 17.26 -7.95 16.18
C ILE B 148 18.00 -6.84 16.90
N ALA B 149 18.39 -7.06 18.14
CA ALA B 149 19.31 -6.15 18.82
C ALA B 149 20.72 -6.70 18.64
N ILE B 150 21.50 -6.08 17.75
CA ILE B 150 22.85 -6.54 17.49
C ILE B 150 23.75 -6.30 18.70
N THR B 151 24.44 -7.36 19.14
CA THR B 151 25.27 -7.35 20.32
C THR B 151 26.75 -7.54 20.03
N LYS B 152 27.08 -8.18 18.92
CA LYS B 152 28.46 -8.50 18.58
C LYS B 152 28.91 -7.72 17.35
N VAL B 153 29.92 -6.87 17.53
CA VAL B 153 30.44 -5.96 16.51
C VAL B 153 31.97 -5.92 16.61
N GLU B 154 32.65 -6.07 15.47
CA GLU B 154 34.12 -6.03 15.41
C GLU B 154 34.56 -4.81 14.63
N ARG B 155 35.26 -3.89 15.30
CA ARG B 155 35.47 -2.56 14.79
C ARG B 155 36.94 -2.16 14.80
N GLY B 156 37.83 -3.12 14.99
CA GLY B 156 39.25 -2.84 14.99
C GLY B 156 39.65 -1.71 15.92
N LYS B 157 40.38 -0.75 15.36
CA LYS B 157 40.91 0.32 16.18
C LYS B 157 39.81 1.26 16.70
N TYR B 158 38.69 1.31 15.99
CA TYR B 158 37.60 2.25 16.24
C TYR B 158 36.82 2.01 17.52
N ASP B 159 36.56 3.11 18.22
CA ASP B 159 35.97 3.11 19.56
C ASP B 159 34.50 2.70 19.55
N LYS B 160 33.79 3.06 18.47
CA LYS B 160 32.39 2.75 18.24
C LYS B 160 32.08 2.94 16.76
N VAL B 161 31.30 2.05 16.17
CA VAL B 161 30.87 2.27 14.78
C VAL B 161 29.36 2.41 14.65
N MET B 162 28.87 2.58 13.40
CA MET B 162 27.48 2.97 13.18
C MET B 162 27.18 3.01 11.68
N PRO B 163 26.00 2.56 11.21
CA PRO B 163 25.66 2.74 9.78
C PRO B 163 25.52 4.22 9.49
N TYR B 164 25.82 4.61 8.25
CA TYR B 164 25.72 6.05 7.98
C TYR B 164 25.56 6.28 6.47
N GLY B 165 24.35 6.00 5.97
CA GLY B 165 24.03 6.14 4.57
C GLY B 165 22.66 5.57 4.29
N PRO B 166 22.13 5.75 3.05
CA PRO B 166 20.77 5.28 2.76
C PRO B 166 20.72 3.79 2.40
N SER B 167 21.63 3.28 1.55
CA SER B 167 21.54 1.90 1.11
C SER B 167 22.92 1.34 0.81
N GLY B 168 23.05 0.02 0.95
CA GLY B 168 24.24 -0.73 0.55
C GLY B 168 23.93 -1.86 -0.41
N ILE B 169 24.82 -2.88 -0.50
CA ILE B 169 24.65 -3.95 -1.50
C ILE B 169 24.84 -5.31 -0.87
N LYS B 170 24.42 -6.32 -1.62
CA LYS B 170 24.66 -7.72 -1.31
C LYS B 170 25.80 -8.30 -2.14
N GLN B 171 26.50 -9.27 -1.55
CA GLN B 171 27.40 -10.17 -2.27
C GLN B 171 27.25 -11.55 -1.62
N GLY B 172 26.53 -12.45 -2.28
CA GLY B 172 26.24 -13.76 -1.74
C GLY B 172 25.29 -13.69 -0.58
N ASP B 173 25.68 -14.15 0.61
CA ASP B 173 24.90 -13.91 1.82
C ASP B 173 25.49 -12.79 2.63
N THR B 174 26.31 -11.95 2.01
CA THR B 174 27.00 -10.92 2.75
C THR B 174 26.49 -9.53 2.34
N LEU B 175 25.88 -8.85 3.29
CA LEU B 175 25.41 -7.51 3.10
C LEU B 175 26.51 -6.53 3.47
N TYR B 176 26.48 -5.36 2.84
CA TYR B 176 27.51 -4.33 3.00
C TYR B 176 26.75 -3.00 3.11
N PHE B 177 26.58 -2.53 4.34
CA PHE B 177 25.90 -1.27 4.65
C PHE B 177 26.90 -0.13 4.69
N PRO B 178 26.56 1.06 4.20
CA PRO B 178 27.40 2.22 4.48
C PRO B 178 27.39 2.56 5.97
N ALA B 179 28.59 2.74 6.53
CA ALA B 179 28.79 2.94 7.96
C ALA B 179 29.94 3.91 8.16
N VAL B 180 30.19 4.23 9.42
CA VAL B 180 31.23 5.17 9.81
C VAL B 180 31.77 4.72 11.16
N GLY B 181 33.05 5.02 11.39
CA GLY B 181 33.72 4.68 12.62
C GLY B 181 34.19 5.93 13.34
N PHE B 182 34.13 5.89 14.68
CA PHE B 182 34.45 7.06 15.49
C PHE B 182 35.79 6.74 16.14
N LEU B 183 36.88 7.19 15.50
CA LEU B 183 38.23 6.94 16.05
C LEU B 183 38.71 8.18 16.78
N PRO B 184 39.05 8.10 18.07
CA PRO B 184 39.36 9.33 18.83
C PRO B 184 40.64 9.96 18.32
N ARG B 185 40.65 11.28 18.20
CA ARG B 185 41.67 11.74 17.27
C ARG B 185 43.07 11.61 17.88
N THR B 186 43.17 11.23 19.16
CA THR B 186 44.46 10.93 19.78
C THR B 186 45.10 9.71 19.12
N GLU B 187 44.30 8.82 18.52
CA GLU B 187 44.79 7.61 17.85
C GLU B 187 44.72 7.73 16.33
N PHE B 188 44.39 8.91 15.82
CA PHE B 188 44.39 9.14 14.39
C PHE B 188 45.82 9.41 13.94
N GLN B 189 46.24 8.75 12.86
CA GLN B 189 47.59 8.93 12.30
C GLN B 189 47.50 9.73 11.00
N TYR B 190 48.00 10.98 11.00
CA TYR B 190 47.92 11.83 9.81
C TYR B 190 49.14 12.74 9.73
N ASN B 191 49.95 12.55 8.68
CA ASN B 191 51.04 13.46 8.34
C ASN B 191 50.46 14.68 7.63
N ASP B 192 50.49 15.83 8.30
CA ASP B 192 49.94 17.05 7.71
C ASP B 192 50.67 17.45 6.45
N SER B 193 51.79 16.81 6.14
CA SER B 193 52.48 17.06 4.89
C SER B 193 51.66 16.63 3.68
N ASN B 194 50.72 15.70 3.87
CA ASN B 194 49.88 15.21 2.78
C ASN B 194 48.66 16.09 2.49
N CYS B 195 48.42 17.14 3.28
CA CYS B 195 47.27 18.03 3.14
C CYS B 195 47.51 18.98 1.98
N PRO B 196 46.80 18.82 0.86
CA PRO B 196 47.24 19.43 -0.39
C PRO B 196 46.96 20.91 -0.48
N ILE B 197 47.93 21.73 -0.10
CA ILE B 197 47.81 23.17 -0.08
C ILE B 197 48.70 23.82 -1.13
N ILE B 198 49.02 23.05 -2.19
CA ILE B 198 49.99 23.46 -3.20
C ILE B 198 49.60 24.78 -3.83
N HIS B 199 48.33 24.91 -4.24
CA HIS B 199 47.84 26.06 -4.99
C HIS B 199 47.02 26.98 -4.11
N CYS B 200 46.88 26.66 -2.84
CA CYS B 200 45.84 27.21 -2.01
C CYS B 200 46.49 28.19 -1.07
N LYS B 201 46.43 29.47 -1.44
CA LYS B 201 47.03 30.55 -0.64
C LYS B 201 46.60 30.46 0.83
N TYR B 202 45.32 30.63 1.10
CA TYR B 202 44.88 30.85 2.47
C TYR B 202 44.84 29.57 3.29
N SER B 203 45.07 28.43 2.67
CA SER B 203 44.84 27.13 3.30
C SER B 203 46.08 26.69 4.06
N LYS B 204 45.94 26.48 5.37
CA LYS B 204 47.01 26.03 6.24
C LYS B 204 47.16 24.50 6.18
N ALA B 205 48.25 24.00 6.76
CA ALA B 205 48.60 22.59 6.66
C ALA B 205 47.67 21.72 7.48
N GLU B 206 47.46 22.10 8.71
CA GLU B 206 46.70 21.14 9.50
C GLU B 206 45.19 21.10 9.28
N ASN B 207 44.59 21.91 8.37
CA ASN B 207 43.14 21.88 8.30
C ASN B 207 42.59 20.50 8.05
N CYS B 208 43.05 19.83 6.98
CA CYS B 208 42.59 18.51 6.67
C CYS B 208 42.43 17.66 7.92
N ARG B 209 43.37 17.75 8.85
CA ARG B 209 43.28 16.92 10.04
C ARG B 209 42.15 17.36 10.95
N LEU B 210 42.10 18.65 11.26
CA LEU B 210 40.99 19.20 12.03
C LEU B 210 39.68 19.07 11.28
N SER B 211 39.74 18.90 9.95
CA SER B 211 38.57 18.72 9.11
C SER B 211 38.03 17.28 9.11
N MET B 212 38.65 16.37 9.88
CA MET B 212 38.14 15.00 9.98
C MET B 212 37.11 14.82 11.06
N GLY B 213 36.81 15.86 11.83
CA GLY B 213 35.77 15.74 12.82
C GLY B 213 34.68 16.76 12.63
N VAL B 214 33.81 16.87 13.61
CA VAL B 214 32.82 17.92 13.63
C VAL B 214 33.45 19.25 14.01
N ASN B 215 34.07 19.32 15.17
CA ASN B 215 34.84 20.50 15.52
C ASN B 215 36.29 20.31 15.11
N SER B 216 37.04 21.41 15.13
CA SER B 216 38.48 21.29 15.26
C SER B 216 38.82 20.60 16.57
N LYS B 217 38.05 20.86 17.62
CA LYS B 217 38.26 20.31 18.94
C LYS B 217 37.20 19.26 19.26
N SER B 218 36.80 18.52 18.23
CA SER B 218 36.01 17.32 18.49
C SER B 218 36.91 16.24 19.07
N HIS B 219 36.31 15.40 19.89
CA HIS B 219 37.09 14.37 20.54
C HIS B 219 37.33 13.15 19.64
N TYR B 220 36.43 12.84 18.72
CA TYR B 220 36.61 11.77 17.73
C TYR B 220 36.88 12.41 16.37
N ILE B 221 37.46 11.63 15.46
CA ILE B 221 37.23 11.85 14.05
C ILE B 221 36.23 10.82 13.57
N LEU B 222 35.73 11.03 12.34
CA LEU B 222 34.86 10.11 11.62
C LEU B 222 35.57 9.56 10.37
N ARG B 223 35.58 8.22 10.23
CA ARG B 223 36.07 7.58 9.00
C ARG B 223 34.96 6.74 8.39
N SER B 224 34.60 7.04 7.14
CA SER B 224 33.57 6.26 6.48
C SER B 224 34.10 4.89 6.12
N GLY B 225 33.17 3.95 5.92
CA GLY B 225 33.45 2.62 5.45
C GLY B 225 32.18 1.82 5.36
N LEU B 226 32.29 0.50 5.56
CA LEU B 226 31.19 -0.45 5.46
C LEU B 226 30.98 -1.17 6.78
N LEU B 227 29.78 -1.72 6.98
CA LEU B 227 29.56 -2.77 7.96
C LEU B 227 29.18 -4.02 7.17
N LYS B 228 29.85 -5.12 7.50
CA LYS B 228 29.60 -6.38 6.77
C LYS B 228 28.77 -7.33 7.64
N TYR B 229 27.65 -7.80 7.11
CA TYR B 229 26.84 -8.83 7.83
C TYR B 229 26.78 -10.05 6.93
N ASN B 230 27.09 -11.22 7.48
CA ASN B 230 27.12 -12.42 6.62
C ASN B 230 25.98 -13.34 7.02
N LEU B 231 25.06 -13.58 6.11
CA LEU B 231 23.94 -14.51 6.31
C LEU B 231 24.43 -15.95 6.44
N SER B 232 25.39 -16.32 5.58
CA SER B 232 25.88 -17.72 5.53
C SER B 232 26.22 -18.24 6.93
N LEU B 233 26.88 -17.40 7.74
CA LEU B 233 27.19 -17.75 9.15
C LEU B 233 26.03 -17.25 9.97
N GLY B 234 24.89 -17.91 9.88
CA GLY B 234 23.67 -17.36 10.52
C GLY B 234 23.73 -17.37 12.04
N GLY B 235 24.53 -18.23 12.63
CA GLY B 235 24.44 -18.36 14.11
C GLY B 235 24.81 -17.06 14.81
N ASP B 236 24.03 -16.67 15.82
CA ASP B 236 24.40 -15.49 16.65
C ASP B 236 24.27 -14.21 15.84
N ILE B 237 24.90 -13.14 16.32
CA ILE B 237 24.91 -11.87 15.56
C ILE B 237 26.36 -11.41 15.43
N ILE B 238 26.78 -10.91 14.27
CA ILE B 238 28.15 -10.32 14.16
C ILE B 238 28.08 -9.12 13.24
N LEU B 239 29.09 -8.25 13.28
CA LEU B 239 29.14 -7.12 12.33
C LEU B 239 30.60 -6.65 12.26
N GLN B 240 31.15 -6.56 11.04
CA GLN B 240 32.56 -6.19 10.98
C GLN B 240 32.71 -4.86 10.27
N PHE B 241 33.27 -3.88 10.97
CA PHE B 241 33.51 -2.60 10.33
C PHE B 241 34.69 -2.71 9.37
N ILE B 242 34.54 -2.04 8.23
CA ILE B 242 35.54 -1.94 7.16
C ILE B 242 35.81 -0.46 6.95
N GLU B 243 37.07 -0.04 7.06
CA GLU B 243 37.40 1.40 6.92
C GLU B 243 37.52 1.72 5.44
N ILE B 244 37.96 2.93 5.09
CA ILE B 244 37.95 3.32 3.66
C ILE B 244 39.35 3.77 3.25
N ALA B 245 39.65 3.64 1.97
CA ALA B 245 41.02 3.93 1.51
C ALA B 245 41.33 5.40 1.76
N ASP B 246 42.58 5.68 2.08
CA ASP B 246 43.03 7.05 2.41
C ASP B 246 42.83 7.94 1.18
N ASN B 247 42.89 7.38 -0.02
CA ASN B 247 42.87 8.26 -1.21
C ASN B 247 41.61 9.13 -1.16
N ARG B 248 41.79 10.42 -1.41
CA ARG B 248 40.66 11.38 -1.36
C ARG B 248 40.00 11.26 0.01
N LEU B 249 40.79 11.13 1.07
CA LEU B 249 40.10 10.94 2.36
C LEU B 249 39.31 12.19 2.67
N THR B 250 38.10 12.02 3.18
CA THR B 250 37.27 13.16 3.61
C THR B 250 36.48 12.67 4.81
N ILE B 251 36.03 13.59 5.65
CA ILE B 251 35.36 13.22 6.89
C ILE B 251 34.35 12.10 6.63
N GLY B 252 34.25 11.18 7.59
CA GLY B 252 33.18 10.21 7.54
C GLY B 252 31.82 10.87 7.34
N SER B 253 31.16 10.59 6.22
CA SER B 253 29.95 11.27 5.82
C SER B 253 28.92 10.26 5.35
N PRO B 254 27.60 10.63 5.38
CA PRO B 254 26.56 9.84 4.74
C PRO B 254 26.92 9.42 3.33
N SER B 255 26.94 8.13 3.10
CA SER B 255 27.45 7.61 1.86
C SER B 255 26.62 6.40 1.47
N LYS B 256 26.91 5.88 0.30
CA LYS B 256 26.04 4.87 -0.28
C LYS B 256 26.89 4.02 -1.18
N ILE B 257 26.86 2.72 -0.98
CA ILE B 257 27.39 1.78 -1.95
C ILE B 257 26.23 1.15 -2.68
N TYR B 258 26.41 0.92 -3.97
CA TYR B 258 25.33 0.39 -4.78
C TYR B 258 25.89 -0.33 -5.99
N ASN B 259 25.14 -1.28 -6.55
CA ASN B 259 25.69 -2.09 -7.68
C ASN B 259 25.06 -1.68 -9.01
N SER B 260 25.88 -1.19 -9.94
CA SER B 260 25.37 -0.87 -11.29
C SER B 260 26.13 -1.65 -12.36
N LEU B 261 25.42 -2.33 -13.24
CA LEU B 261 26.06 -3.03 -14.39
C LEU B 261 27.04 -4.07 -13.85
N GLY B 262 26.77 -4.65 -12.69
CA GLY B 262 27.60 -5.77 -12.18
C GLY B 262 28.88 -5.33 -11.52
N GLN B 263 29.12 -4.01 -11.40
CA GLN B 263 30.30 -3.57 -10.63
C GLN B 263 29.83 -2.62 -9.53
N PRO B 264 30.29 -2.81 -8.28
CA PRO B 264 29.86 -1.96 -7.19
C PRO B 264 30.39 -0.52 -7.35
N VAL B 265 29.60 0.47 -6.94
CA VAL B 265 30.05 1.89 -7.00
C VAL B 265 29.83 2.53 -5.62
N PHE B 266 30.68 3.49 -5.25
CA PHE B 266 30.57 4.17 -3.96
C PHE B 266 30.28 5.63 -4.25
N TYR B 267 29.39 6.23 -3.42
CA TYR B 267 29.17 7.66 -3.34
C TYR B 267 29.39 8.07 -1.89
N GLN B 268 30.30 9.02 -1.65
CA GLN B 268 30.48 9.60 -0.33
C GLN B 268 30.02 11.05 -0.41
N ALA B 269 29.22 11.46 0.56
CA ALA B 269 28.84 12.87 0.66
C ALA B 269 30.05 13.71 1.05
N SER B 270 30.04 14.95 0.56
CA SER B 270 31.16 15.88 0.71
C SER B 270 30.83 16.90 1.80
N TYR B 271 30.87 16.48 3.06
CA TYR B 271 30.64 17.34 4.23
C TYR B 271 31.84 18.18 4.68
N SER B 272 32.93 18.27 3.92
CA SER B 272 34.03 19.12 4.31
C SER B 272 34.63 19.70 3.04
N TRP B 273 35.76 20.41 3.20
CA TRP B 273 36.32 21.30 2.19
C TRP B 273 36.35 20.75 0.76
N ASP B 274 36.51 19.45 0.58
CA ASP B 274 36.54 18.84 -0.74
C ASP B 274 35.11 18.80 -1.28
N THR B 275 34.65 19.88 -1.95
CA THR B 275 33.21 19.97 -2.25
C THR B 275 32.81 19.32 -3.57
N MET B 276 33.74 19.14 -4.50
CA MET B 276 33.40 18.44 -5.72
C MET B 276 32.95 17.03 -5.38
N ILE B 277 32.02 16.49 -6.18
CA ILE B 277 31.37 15.24 -5.84
C ILE B 277 32.39 14.10 -5.64
N LYS B 278 32.10 13.22 -4.68
CA LYS B 278 32.94 12.07 -4.34
C LYS B 278 32.22 10.79 -4.75
N LEU B 279 32.50 10.27 -5.93
CA LEU B 279 31.91 8.99 -6.30
C LEU B 279 32.82 8.25 -7.27
N GLY B 280 32.56 6.98 -7.45
CA GLY B 280 33.36 6.18 -8.37
C GLY B 280 33.22 4.71 -8.08
N ASP B 281 33.76 3.92 -9.00
CA ASP B 281 33.70 2.47 -8.87
C ASP B 281 34.54 2.01 -7.68
N VAL B 282 34.02 1.05 -6.91
CA VAL B 282 34.86 0.43 -5.89
C VAL B 282 35.73 -0.61 -6.57
N ASP B 283 37.03 -0.58 -6.26
CA ASP B 283 37.94 -1.60 -6.78
C ASP B 283 37.83 -2.86 -5.93
N THR B 284 38.06 -2.72 -4.63
CA THR B 284 37.95 -3.82 -3.69
C THR B 284 36.90 -3.45 -2.65
N VAL B 285 36.41 -4.47 -1.95
CA VAL B 285 35.42 -4.25 -0.93
C VAL B 285 35.98 -4.50 0.48
N ASP B 286 36.93 -5.42 0.61
CA ASP B 286 37.70 -5.64 1.85
C ASP B 286 39.18 -5.42 1.63
N PRO B 287 39.80 -4.35 2.16
CA PRO B 287 39.17 -3.18 2.79
C PRO B 287 38.71 -2.26 1.70
N LEU B 288 38.07 -1.17 2.09
CA LEU B 288 37.27 -0.41 1.13
C LEU B 288 38.18 0.52 0.33
N ARG B 289 38.38 0.21 -0.95
CA ARG B 289 39.02 1.12 -1.89
C ARG B 289 38.07 1.53 -3.01
N VAL B 290 38.00 2.84 -3.24
CA VAL B 290 37.19 3.45 -4.29
C VAL B 290 38.13 4.22 -5.20
N GLN B 291 37.97 4.06 -6.52
CA GLN B 291 38.73 4.89 -7.46
C GLN B 291 37.86 6.10 -7.81
N TRP B 292 38.03 7.17 -7.02
CA TRP B 292 37.20 8.36 -7.16
C TRP B 292 37.37 9.01 -8.53
N ARG B 293 36.26 9.56 -9.05
CA ARG B 293 36.32 10.37 -10.27
C ARG B 293 36.93 11.73 -9.98
N ASN B 294 37.72 12.22 -10.93
CA ASN B 294 38.22 13.60 -10.91
C ASN B 294 37.18 14.47 -11.61
N ASN B 295 36.06 14.70 -10.91
CA ASN B 295 34.85 15.29 -11.47
C ASN B 295 34.82 16.80 -11.19
N SER B 296 34.57 17.58 -12.23
CA SER B 296 34.82 19.01 -12.17
C SER B 296 33.58 19.86 -12.43
N VAL B 297 32.39 19.27 -12.50
CA VAL B 297 31.21 20.08 -12.85
C VAL B 297 30.15 20.01 -11.75
N ILE B 298 30.15 18.95 -10.94
CA ILE B 298 29.08 18.72 -9.96
C ILE B 298 29.65 18.90 -8.56
N SER B 299 29.15 19.90 -7.84
CA SER B 299 29.59 20.14 -6.44
C SER B 299 28.40 20.25 -5.50
N ARG B 300 28.66 20.57 -4.24
CA ARG B 300 27.58 20.54 -3.23
C ARG B 300 27.38 21.90 -2.59
N PRO B 301 26.13 22.38 -2.45
CA PRO B 301 25.90 23.63 -1.75
C PRO B 301 26.61 23.59 -0.40
N GLY B 302 26.97 24.76 0.12
CA GLY B 302 27.72 24.82 1.38
C GLY B 302 27.45 26.12 2.11
N GLN B 303 27.78 26.19 3.39
CA GLN B 303 27.65 27.46 4.17
C GLN B 303 28.88 28.31 3.83
N SER B 304 29.06 29.45 4.50
CA SER B 304 30.14 30.43 4.17
C SER B 304 31.54 29.85 4.03
N GLN B 305 32.02 29.07 5.00
CA GLN B 305 33.43 28.60 5.00
C GLN B 305 33.73 27.72 3.78
N CYS B 306 32.80 26.86 3.38
CA CYS B 306 33.11 25.92 2.28
C CYS B 306 32.02 26.01 1.21
N PRO B 307 32.06 27.07 0.38
CA PRO B 307 31.10 27.27 -0.67
C PRO B 307 31.31 26.29 -1.82
N ARG B 308 30.28 26.13 -2.65
CA ARG B 308 30.35 25.13 -3.73
C ARG B 308 31.49 25.46 -4.69
N PHE B 309 32.16 24.43 -5.18
CA PHE B 309 33.31 24.59 -6.11
C PHE B 309 34.59 24.88 -5.31
N ASN B 310 34.55 24.85 -3.98
CA ASN B 310 35.79 25.02 -3.17
C ASN B 310 36.70 23.81 -3.39
N VAL B 311 38.02 24.02 -3.43
CA VAL B 311 38.97 22.90 -3.57
C VAL B 311 40.14 23.16 -2.62
N CYS B 312 40.05 24.22 -1.81
CA CYS B 312 41.14 24.55 -0.91
C CYS B 312 40.85 24.05 0.51
N PRO B 313 41.78 23.34 1.15
CA PRO B 313 41.55 22.81 2.51
C PRO B 313 41.30 23.82 3.65
N GLU B 314 40.06 23.95 4.09
CA GLU B 314 39.70 24.84 5.19
C GLU B 314 39.06 24.01 6.30
N VAL B 315 38.87 24.63 7.47
CA VAL B 315 38.26 23.95 8.62
C VAL B 315 36.77 24.23 8.54
N CYS B 316 36.02 23.29 7.97
CA CYS B 316 34.57 23.36 7.88
C CYS B 316 33.97 21.97 8.07
N TRP B 317 32.76 21.96 8.62
CA TRP B 317 31.86 20.82 8.48
C TRP B 317 30.48 21.30 8.04
N GLU B 318 30.16 21.07 6.77
CA GLU B 318 28.87 21.52 6.25
C GLU B 318 28.68 21.00 4.84
N GLY B 319 27.44 20.61 4.53
CA GLY B 319 27.09 20.09 3.23
C GLY B 319 25.82 19.28 3.32
N THR B 320 25.31 18.92 2.13
CA THR B 320 24.10 18.12 2.01
C THR B 320 24.37 16.89 1.17
N TYR B 321 23.71 15.78 1.53
CA TYR B 321 23.82 14.53 0.78
C TYR B 321 23.05 14.67 -0.52
N ASN B 322 23.75 14.63 -1.66
CA ASN B 322 23.07 14.73 -2.96
C ASN B 322 23.73 13.71 -3.89
N ASP B 323 23.27 12.48 -3.85
CA ASP B 323 24.05 11.44 -4.51
C ASP B 323 23.73 11.36 -6.00
N ALA B 324 24.54 10.59 -6.72
CA ALA B 324 24.35 10.30 -8.13
C ALA B 324 24.42 8.79 -8.38
N PHE B 325 24.10 8.38 -9.60
CA PHE B 325 23.97 6.96 -9.93
C PHE B 325 24.62 6.69 -11.28
N LEU B 326 25.38 5.62 -11.43
CA LEU B 326 26.12 5.40 -12.72
C LEU B 326 25.24 4.75 -13.80
N ILE B 327 24.60 5.55 -14.63
CA ILE B 327 23.79 5.01 -15.76
C ILE B 327 24.66 4.27 -16.79
N ASP B 328 25.86 4.76 -17.12
CA ASP B 328 26.67 4.14 -18.20
C ASP B 328 28.16 4.17 -17.87
N ARG B 329 28.77 3.01 -17.58
CA ARG B 329 30.22 2.93 -17.22
C ARG B 329 31.18 3.36 -18.33
N LEU B 330 30.93 2.95 -19.58
CA LEU B 330 31.94 3.21 -20.64
C LEU B 330 32.14 4.70 -20.84
N ASN B 331 31.05 5.46 -20.80
CA ASN B 331 31.15 6.94 -20.93
C ASN B 331 31.04 7.55 -19.53
N TRP B 332 30.84 6.72 -18.51
CA TRP B 332 30.72 7.20 -17.12
C TRP B 332 29.61 8.24 -17.02
N VAL B 333 28.50 8.00 -17.72
CA VAL B 333 27.34 8.92 -17.60
C VAL B 333 26.64 8.59 -16.29
N SER B 334 26.38 9.62 -15.48
CA SER B 334 25.75 9.39 -14.16
C SER B 334 24.58 10.35 -14.02
N ALA B 335 23.61 10.00 -13.17
CA ALA B 335 22.42 10.84 -13.00
C ALA B 335 22.17 11.14 -11.53
N GLY B 336 21.98 12.40 -11.20
CA GLY B 336 21.65 12.74 -9.82
C GLY B 336 21.02 14.10 -9.71
N VAL B 337 20.37 14.32 -8.59
CA VAL B 337 19.84 15.63 -8.28
C VAL B 337 20.88 16.37 -7.46
N TYR B 338 21.16 17.60 -7.87
CA TYR B 338 22.06 18.47 -7.13
C TYR B 338 21.38 19.80 -6.87
N LEU B 339 21.91 20.53 -5.90
CA LEU B 339 21.37 21.82 -5.54
C LEU B 339 22.26 22.89 -6.17
N ASN B 340 21.66 23.72 -7.04
CA ASN B 340 22.34 24.82 -7.74
C ASN B 340 22.37 26.08 -6.85
N SER B 341 23.29 26.08 -5.90
CA SER B 341 23.38 27.18 -4.95
C SER B 341 24.74 27.09 -4.29
N ASN B 342 25.59 28.09 -4.51
CA ASN B 342 26.87 28.16 -3.82
C ASN B 342 26.71 28.15 -2.30
N GLN B 343 25.81 28.93 -1.73
CA GLN B 343 25.80 28.97 -0.24
C GLN B 343 24.42 28.82 0.38
N THR B 344 23.45 28.29 -0.37
CA THR B 344 22.09 28.06 0.18
C THR B 344 21.57 26.71 -0.31
N ALA B 345 20.61 26.11 0.40
CA ALA B 345 20.02 24.88 -0.17
C ALA B 345 18.76 25.31 -0.92
N GLU B 346 18.84 25.31 -2.25
CA GLU B 346 17.69 25.75 -3.07
C GLU B 346 17.92 25.31 -4.51
N ASN B 347 16.95 25.57 -5.37
CA ASN B 347 17.20 25.28 -6.80
C ASN B 347 17.56 23.82 -7.07
N PRO B 348 16.76 22.83 -6.62
CA PRO B 348 17.03 21.45 -6.95
C PRO B 348 16.97 21.24 -8.47
N VAL B 349 17.89 20.45 -9.01
CA VAL B 349 17.97 20.26 -10.49
C VAL B 349 18.45 18.87 -10.82
N PHE B 350 17.66 18.07 -11.55
CA PHE B 350 18.06 16.76 -12.01
C PHE B 350 19.03 16.93 -13.16
N ALA B 351 20.16 16.21 -13.09
CA ALA B 351 21.19 16.30 -14.13
C ALA B 351 21.68 14.92 -14.50
N VAL B 352 22.03 14.77 -15.78
CA VAL B 352 22.74 13.61 -16.32
C VAL B 352 24.05 14.12 -16.91
N PHE B 353 25.17 13.56 -16.44
CA PHE B 353 26.45 14.24 -16.54
C PHE B 353 27.63 13.28 -16.61
N LYS B 354 28.77 13.84 -17.02
CA LYS B 354 30.06 13.18 -17.10
C LYS B 354 31.06 13.91 -16.20
N ASP B 355 32.28 13.34 -16.15
CA ASP B 355 33.32 13.79 -15.23
C ASP B 355 33.59 15.28 -15.37
N ASN B 356 33.75 15.74 -16.62
CA ASN B 356 34.12 17.11 -16.96
C ASN B 356 33.08 17.76 -17.86
N GLU B 357 31.81 17.42 -17.66
CA GLU B 357 30.76 17.93 -18.54
C GLU B 357 29.37 17.50 -18.06
N ILE B 358 28.48 18.47 -17.90
CA ILE B 358 27.07 18.19 -17.69
C ILE B 358 26.44 18.06 -19.05
N LEU B 359 25.86 16.89 -19.31
CA LEU B 359 25.22 16.65 -20.60
C LEU B 359 23.87 17.38 -20.70
N TYR B 360 22.92 17.02 -19.83
CA TYR B 360 21.61 17.69 -19.87
C TYR B 360 20.95 17.69 -18.50
N GLN B 361 19.96 18.58 -18.35
CA GLN B 361 19.41 18.91 -17.04
C GLN B 361 17.92 19.25 -17.14
N VAL B 362 17.30 19.38 -15.97
CA VAL B 362 15.96 19.94 -15.82
C VAL B 362 15.71 20.31 -14.36
N PRO B 363 15.36 21.56 -14.06
CA PRO B 363 14.99 21.90 -12.69
C PRO B 363 13.74 21.13 -12.27
N LEU B 364 13.59 20.98 -10.96
CA LEU B 364 12.50 20.20 -10.42
C LEU B 364 11.58 21.06 -9.57
N ALA B 365 11.75 22.37 -9.61
CA ALA B 365 11.01 23.34 -8.77
C ALA B 365 11.38 24.74 -9.31
N GLU B 366 11.02 25.83 -8.55
CA GLU B 366 11.27 27.22 -8.93
C GLU B 366 12.56 27.76 -8.26
N ASP B 367 12.88 29.08 -8.41
CA ASP B 367 14.25 29.49 -8.04
C ASP B 367 14.44 29.51 -6.51
N ASP B 368 13.48 29.97 -5.76
CA ASP B 368 13.81 30.08 -4.36
C ASP B 368 13.54 28.78 -3.63
N THR B 369 12.88 27.87 -4.34
CA THR B 369 12.47 26.58 -3.73
C THR B 369 13.65 26.01 -2.97
N ASN B 370 13.39 25.57 -1.75
CA ASN B 370 14.51 25.10 -0.92
C ASN B 370 14.43 23.58 -0.83
N ALA B 371 15.53 22.88 -1.14
CA ALA B 371 15.53 21.41 -1.14
C ALA B 371 16.82 20.87 -0.50
N GLN B 372 16.79 20.50 0.78
CA GLN B 372 18.02 20.06 1.50
C GLN B 372 18.71 18.77 0.99
N LYS B 373 18.01 17.70 0.65
CA LYS B 373 18.72 16.42 0.37
C LYS B 373 18.16 15.64 -0.81
N THR B 374 19.00 14.86 -1.48
CA THR B 374 18.53 14.12 -2.67
C THR B 374 19.11 12.71 -2.70
N ILE B 375 18.27 11.69 -2.93
CA ILE B 375 18.72 10.28 -3.09
C ILE B 375 18.25 9.85 -4.46
N THR B 376 19.07 9.10 -5.20
CA THR B 376 18.76 8.80 -6.60
C THR B 376 19.15 7.36 -6.91
N ASP B 377 18.15 6.53 -7.25
CA ASP B 377 18.40 5.16 -7.67
C ASP B 377 17.76 4.93 -9.02
N CYS B 378 18.44 4.19 -9.90
CA CYS B 378 17.95 3.98 -11.25
C CYS B 378 17.87 2.49 -11.55
N PHE B 379 17.14 2.15 -12.62
CA PHE B 379 16.79 0.75 -12.92
C PHE B 379 16.14 0.66 -14.29
N LEU B 380 15.83 -0.57 -14.71
CA LEU B 380 15.10 -0.83 -15.95
C LEU B 380 13.63 -1.14 -15.66
N LEU B 381 12.73 -0.34 -16.21
CA LEU B 381 11.29 -0.61 -16.22
C LEU B 381 10.90 -0.97 -17.65
N GLU B 382 10.51 -2.23 -17.86
CA GLU B 382 10.19 -2.74 -19.20
C GLU B 382 11.36 -2.47 -20.14
N ASN B 383 12.58 -2.65 -19.62
CA ASN B 383 13.79 -2.51 -20.42
C ASN B 383 14.01 -1.06 -20.87
N VAL B 384 13.52 -0.09 -20.10
CA VAL B 384 13.82 1.32 -20.32
C VAL B 384 14.45 1.90 -19.06
N ILE B 385 15.47 2.75 -19.24
CA ILE B 385 16.20 3.29 -18.10
C ILE B 385 15.38 4.39 -17.43
N TRP B 386 14.89 4.10 -16.23
CA TRP B 386 14.14 5.04 -15.39
C TRP B 386 14.95 5.36 -14.14
N CYS B 387 14.69 6.54 -13.56
CA CYS B 387 15.36 6.96 -12.33
C CYS B 387 14.31 7.46 -11.35
N ILE B 388 14.44 7.08 -10.10
CA ILE B 388 13.62 7.62 -9.02
C ILE B 388 14.52 8.50 -8.17
N SER B 389 14.04 9.71 -7.86
CA SER B 389 14.82 10.66 -7.07
C SER B 389 13.97 11.08 -5.89
N LEU B 390 14.43 10.78 -4.69
CA LEU B 390 13.87 11.41 -3.51
C LEU B 390 14.51 12.76 -3.35
N VAL B 391 13.70 13.82 -3.28
CA VAL B 391 14.19 15.17 -3.08
C VAL B 391 13.47 15.72 -1.85
N GLU B 392 14.22 16.15 -0.85
CA GLU B 392 13.65 16.64 0.41
C GLU B 392 13.29 18.12 0.24
N ILE B 393 12.09 18.38 -0.30
CA ILE B 393 11.72 19.78 -0.66
C ILE B 393 10.86 20.45 0.41
N TYR B 394 10.62 21.75 0.25
CA TYR B 394 9.85 22.53 1.24
C TYR B 394 8.60 23.06 0.56
N ASP B 395 7.49 23.13 1.28
CA ASP B 395 6.22 23.51 0.63
C ASP B 395 6.12 25.02 0.53
N THR B 396 6.79 25.62 -0.45
CA THR B 396 6.61 27.07 -0.69
C THR B 396 6.92 27.82 0.61
N GLY B 397 6.01 28.67 1.05
CA GLY B 397 6.21 29.51 2.25
C GLY B 397 6.43 28.66 3.49
N ASP B 398 5.73 27.53 3.60
CA ASP B 398 5.80 26.75 4.87
C ASP B 398 7.23 26.29 5.17
N ASN B 399 7.64 26.36 6.43
CA ASN B 399 8.96 25.86 6.91
C ASN B 399 9.09 24.35 6.76
N VAL B 400 8.01 23.60 7.00
CA VAL B 400 8.08 22.12 7.06
C VAL B 400 8.53 21.46 5.77
N ILE B 401 9.33 20.38 5.91
CA ILE B 401 9.88 19.67 4.73
C ILE B 401 9.06 18.42 4.45
N ARG B 402 8.87 18.08 3.19
CA ARG B 402 8.18 16.87 2.80
C ARG B 402 9.08 16.24 1.74
N PRO B 403 9.36 14.94 1.83
CA PRO B 403 10.07 14.25 0.75
C PRO B 403 9.17 14.07 -0.46
N LYS B 404 9.66 14.44 -1.63
CA LYS B 404 8.91 14.31 -2.87
C LYS B 404 9.66 13.38 -3.82
N LEU B 405 8.96 12.45 -4.41
CA LEU B 405 9.59 11.40 -5.21
C LEU B 405 9.31 11.70 -6.67
N PHE B 406 10.35 12.03 -7.43
CA PHE B 406 10.20 12.29 -8.85
C PHE B 406 10.69 11.10 -9.64
N ALA B 407 9.93 10.71 -10.63
CA ALA B 407 10.35 9.67 -11.55
C ALA B 407 10.75 10.32 -12.87
N VAL B 408 11.88 9.89 -13.43
CA VAL B 408 12.47 10.56 -14.57
C VAL B 408 12.97 9.52 -15.55
N LYS B 409 12.49 9.56 -16.78
CA LYS B 409 12.93 8.65 -17.82
C LYS B 409 14.19 9.20 -18.50
N ILE B 410 15.20 8.35 -18.63
CA ILE B 410 16.45 8.70 -19.32
C ILE B 410 16.27 8.40 -20.81
N PRO B 411 16.30 9.40 -21.68
CA PRO B 411 16.12 9.15 -23.11
C PRO B 411 17.29 8.37 -23.72
N ALA B 412 16.97 7.51 -24.69
CA ALA B 412 17.97 6.81 -25.49
C ALA B 412 18.36 7.58 -26.75
N GLN B 413 17.38 8.25 -27.38
CA GLN B 413 17.60 9.21 -28.46
C GLN B 413 17.77 10.61 -27.87
N CYS B 414 18.47 11.46 -28.59
CA CYS B 414 18.64 12.85 -28.18
C CYS B 414 17.70 13.75 -28.99
N SER B 415 16.40 13.42 -28.90
CA SER B 415 15.33 13.99 -29.73
C SER B 415 14.82 15.33 -29.17
N GLU B 416 13.70 15.81 -29.72
CA GLU B 416 13.13 17.11 -29.33
C GLU B 416 12.32 17.03 -28.03
#